data_8T7P
#
_entry.id   8T7P
#
_cell.length_a   75.010
_cell.length_b   108.930
_cell.length_c   117.630
_cell.angle_alpha   90.00
_cell.angle_beta   90.00
_cell.angle_gamma   90.00
#
_symmetry.space_group_name_H-M   'P 21 21 21'
#
loop_
_entity.id
_entity.type
_entity.pdbx_description
1 polymer 'Aminopeptidase N'
2 non-polymer 'ZINC ION'
3 non-polymer GLYCEROL
4 non-polymer 'MAGNESIUM ION'
5 water water
#
_entity_poly.entity_id   1
_entity_poly.type   'polypeptide(L)'
_entity_poly.pdbx_seq_one_letter_code
;MEPKIHYRKDYKPSGFIINQVTLNINIHDQETIVRSVLDMDISKHNVGEDLVFDGVGLKINEISINNKKLVEGEEYTYDN
EFLTIFSKFVPKSKFAFSSEVIIHPETNYALTGLYKSKNIIVSQCEATGFRRITFFIDRPDMMAKYDVTVTADKEKYPVL
LSNGDKVNEFEIPGGRHGARFNDPPLKPCYLFAVVAGDLKHLSATYITKYTKKKVELYVFSEEKYVSKLQWALECLKKSM
AFDEDYFGLEYDLSRLNLVAVSDFNVGASENKGLNIFNANSLLASKKNSIDFSYARILTVVGHEYFHQYTGNRVTLRDWF
QLTLKEGLTVHRENLFSEEMTKTVTTRLSHVDLLRSVQFLEDSSPLSHPIRPESYVSMENFYTTTVYDKGSEVMRMYLTI
LGEEYYKKGFDIYIKKNDGNTATCEDFNYAMEQAYKMKKADNSANLNQYLLWFSQSGTPHVSFKYNYDAEKKQYSIHVNQ
YTKPDENQKEKKPLFIPISVGLINPENGKEMISQTTLELTKESDTFVFNNIAVKPIPSLFRGFSAPVYIEDQLTDEERIL
LLKYDSDAFVRYNSCTNIYMKQILMNYNEFLKAKNEKLESFQLTPVNAQFIDAIKYLLEDPHADAGFKSYIVSLPQDRYI
INFVSNLDTDVLADTKEYIYKQIGDKLNDVYYKMFKSLEAKADDLTYFNDESHVDFDQMNMRTLRNTLLSLLSKAQYPNI
LNEIIEHSKSPYPSNWLTSLSVSAYFDKYFELYDKTYKLSKDDELLLQEWLKTVSRSDRKDIYEILKKLENEVLKDSKNP
NDIRAVYLPFTNNLRRFHDISGKGYKLIAEVITKTDKFNPMVATQLCEPFKLWNKLDTKRQELMLNEMNTMLQEPQISNN
LKEYLLRLTNKLHHHHHH
;
_entity_poly.pdbx_strand_id   A
#
loop_
_chem_comp.id
_chem_comp.type
_chem_comp.name
_chem_comp.formula
GOL non-polymer GLYCEROL 'C3 H8 O3'
MG non-polymer 'MAGNESIUM ION' 'Mg 2'
ZN non-polymer 'ZINC ION' 'Zn 2'
#
# COMPACT_ATOMS: atom_id res chain seq x y z
N PRO A 3 -1.82 18.93 -21.93
CA PRO A 3 -1.46 17.70 -21.22
C PRO A 3 -0.61 16.74 -22.07
N LYS A 4 0.68 16.69 -21.76
CA LYS A 4 1.61 15.81 -22.46
C LYS A 4 1.42 14.37 -22.01
N ILE A 5 1.27 13.48 -22.99
CA ILE A 5 1.07 12.05 -22.70
C ILE A 5 2.30 11.24 -23.10
N HIS A 6 2.91 10.58 -22.14
CA HIS A 6 4.06 9.72 -22.40
C HIS A 6 3.62 8.31 -22.75
N TYR A 7 4.16 7.75 -23.82
CA TYR A 7 3.78 6.41 -24.25
C TYR A 7 4.91 5.41 -24.09
N ARG A 8 4.56 4.20 -23.62
CA ARG A 8 5.53 3.16 -23.34
C ARG A 8 6.27 2.71 -24.59
N LYS A 9 5.57 2.69 -25.72
CA LYS A 9 6.13 2.23 -26.98
C LYS A 9 7.06 3.27 -27.61
N ASP A 10 7.13 4.44 -27.00
CA ASP A 10 7.92 5.54 -27.56
C ASP A 10 9.27 5.70 -26.88
N TYR A 11 9.66 4.72 -26.06
CA TYR A 11 10.92 4.84 -25.33
C TYR A 11 12.12 4.92 -26.26
N LYS A 12 12.97 5.89 -26.00
CA LYS A 12 14.24 6.03 -26.71
C LYS A 12 15.30 6.52 -25.73
N PRO A 13 16.50 5.93 -25.81
CA PRO A 13 17.61 6.35 -24.94
C PRO A 13 17.95 7.82 -25.14
N SER A 14 18.40 8.49 -24.08
CA SER A 14 18.74 9.91 -24.15
C SER A 14 19.88 10.16 -25.13
N GLY A 15 19.88 11.34 -25.72
CA GLY A 15 20.95 11.74 -26.62
C GLY A 15 22.14 12.31 -25.87
N PHE A 16 22.05 12.28 -24.55
CA PHE A 16 23.10 12.81 -23.69
C PHE A 16 23.49 11.84 -22.60
N ILE A 17 24.66 12.06 -22.01
CA ILE A 17 25.16 11.24 -20.91
C ILE A 17 25.52 12.11 -19.72
N ILE A 18 25.09 11.71 -18.53
CA ILE A 18 25.50 12.40 -17.31
C ILE A 18 26.38 11.47 -16.48
N ASN A 19 27.67 11.80 -16.42
CA ASN A 19 28.65 10.94 -15.75
C ASN A 19 28.83 11.26 -14.28
N GLN A 20 28.99 12.54 -13.97
CA GLN A 20 29.25 12.97 -12.59
C GLN A 20 28.36 14.12 -12.16
N VAL A 21 27.83 14.02 -10.95
CA VAL A 21 27.04 15.10 -10.36
C VAL A 21 27.76 15.65 -9.13
N THR A 22 28.07 16.94 -9.16
CA THR A 22 28.72 17.58 -8.03
C THR A 22 27.81 18.66 -7.45
N LEU A 23 27.20 18.36 -6.31
CA LEU A 23 26.20 19.24 -5.71
C LEU A 23 26.73 20.05 -4.53
N ASN A 24 26.27 21.29 -4.45
CA ASN A 24 26.49 22.13 -3.27
C ASN A 24 25.16 22.72 -2.81
N ILE A 25 24.60 22.14 -1.75
CA ILE A 25 23.31 22.58 -1.25
C ILE A 25 23.49 23.44 0.00
N ASN A 26 23.34 24.75 -0.17
CA ASN A 26 23.52 25.70 0.92
C ASN A 26 22.19 26.16 1.50
N ILE A 27 21.86 25.63 2.68
CA ILE A 27 20.59 25.94 3.33
C ILE A 27 20.68 27.18 4.19
N HIS A 28 19.77 28.13 3.95
CA HIS A 28 19.69 29.35 4.75
C HIS A 28 18.30 29.52 5.34
N ASP A 29 18.10 30.63 6.06
CA ASP A 29 16.85 30.87 6.77
C ASP A 29 15.64 31.04 5.85
N GLN A 30 15.82 31.81 4.77
CA GLN A 30 14.70 32.14 3.90
C GLN A 30 14.80 31.48 2.53
N GLU A 31 15.95 30.90 2.23
CA GLU A 31 16.17 30.29 0.91
C GLU A 31 17.24 29.21 0.96
N THR A 32 17.21 28.32 -0.03
CA THR A 32 18.26 27.32 -0.18
C THR A 32 18.91 27.45 -1.56
N ILE A 33 20.22 27.71 -1.56
CA ILE A 33 20.95 27.86 -2.80
C ILE A 33 21.58 26.53 -3.23
N VAL A 34 21.32 26.14 -4.47
CA VAL A 34 21.84 24.88 -4.99
C VAL A 34 22.75 25.10 -6.20
N ARG A 35 24.05 24.81 -6.01
CA ARG A 35 25.00 24.87 -7.10
C ARG A 35 25.26 23.45 -7.61
N SER A 36 25.21 23.28 -8.93
CA SER A 36 25.37 21.96 -9.52
C SER A 36 26.26 21.96 -10.74
N VAL A 37 27.26 21.08 -10.75
CA VAL A 37 28.10 20.88 -11.91
C VAL A 37 27.87 19.49 -12.48
N LEU A 38 27.42 19.44 -13.74
CA LEU A 38 27.17 18.16 -14.39
C LEU A 38 28.24 17.86 -15.44
N ASP A 39 29.00 16.81 -15.21
CA ASP A 39 29.99 16.36 -16.19
C ASP A 39 29.28 15.48 -17.22
N MET A 40 29.07 16.04 -18.41
CA MET A 40 28.24 15.38 -19.41
C MET A 40 28.99 14.97 -20.66
N ASP A 41 28.30 14.23 -21.52
CA ASP A 41 28.86 13.76 -22.78
C ASP A 41 27.75 13.56 -23.82
N ILE A 42 28.15 13.27 -25.05
CA ILE A 42 27.20 13.02 -26.13
C ILE A 42 27.08 11.52 -26.40
N SER A 43 25.85 11.01 -26.34
CA SER A 43 25.62 9.58 -26.54
C SER A 43 25.53 9.22 -28.01
N LYS A 44 25.51 7.92 -28.31
CA LYS A 44 25.46 7.44 -29.67
C LYS A 44 24.08 7.65 -30.30
N HIS A 45 23.08 7.90 -29.46
CA HIS A 45 21.71 8.09 -29.92
C HIS A 45 21.42 9.56 -30.23
N ASN A 46 22.43 10.40 -30.07
CA ASN A 46 22.27 11.83 -30.31
C ASN A 46 22.10 12.17 -31.78
N VAL A 47 21.17 13.06 -32.08
CA VAL A 47 20.91 13.48 -33.45
C VAL A 47 21.00 15.01 -33.57
N GLY A 48 21.80 15.61 -32.70
CA GLY A 48 22.02 17.04 -32.73
C GLY A 48 20.86 17.85 -32.17
N GLU A 49 20.07 17.23 -31.30
CA GLU A 49 18.91 17.89 -30.72
C GLU A 49 19.34 18.88 -29.64
N ASP A 50 18.39 19.72 -29.22
CA ASP A 50 18.64 20.67 -28.13
C ASP A 50 18.91 19.94 -26.83
N LEU A 51 19.64 20.59 -25.92
CA LEU A 51 19.87 20.04 -24.60
C LEU A 51 18.75 20.48 -23.66
N VAL A 52 17.85 19.55 -23.35
CA VAL A 52 16.68 19.86 -22.54
C VAL A 52 16.76 19.24 -21.15
N PHE A 53 16.85 20.09 -20.14
CA PHE A 53 16.85 19.65 -18.75
C PHE A 53 15.45 19.76 -18.14
N ASP A 54 15.17 18.89 -17.17
CA ASP A 54 13.99 19.07 -16.33
C ASP A 54 14.33 20.03 -15.21
N GLY A 55 13.41 20.93 -14.90
CA GLY A 55 13.61 21.92 -13.86
C GLY A 55 12.33 22.62 -13.51
N VAL A 56 11.71 22.21 -12.40
CA VAL A 56 10.42 22.75 -12.01
C VAL A 56 10.52 23.67 -10.80
N GLY A 57 10.06 24.90 -10.97
CA GLY A 57 10.03 25.87 -9.88
C GLY A 57 11.41 26.35 -9.46
N LEU A 58 12.36 26.27 -10.39
CA LEU A 58 13.72 26.71 -10.10
C LEU A 58 13.94 28.17 -10.46
N LYS A 59 14.56 28.92 -9.55
CA LYS A 59 14.90 30.31 -9.83
C LYS A 59 16.37 30.41 -10.24
N ILE A 60 16.59 30.73 -11.52
CA ILE A 60 17.94 30.76 -12.08
C ILE A 60 18.72 32.01 -11.67
N ASN A 61 19.87 31.80 -11.05
CA ASN A 61 20.82 32.88 -10.83
C ASN A 61 21.76 32.98 -12.02
N GLU A 62 22.31 31.83 -12.43
CA GLU A 62 23.15 31.74 -13.61
C GLU A 62 23.36 30.29 -14.03
N ILE A 63 23.46 30.06 -15.33
CA ILE A 63 23.83 28.75 -15.86
C ILE A 63 24.99 28.89 -16.83
N SER A 64 25.79 27.84 -16.97
CA SER A 64 27.00 27.93 -17.78
C SER A 64 27.35 26.61 -18.46
N ILE A 65 28.14 26.71 -19.52
CA ILE A 65 28.72 25.54 -20.17
C ILE A 65 30.22 25.76 -20.31
N ASN A 66 31.00 24.89 -19.67
CA ASN A 66 32.45 25.04 -19.59
C ASN A 66 32.86 26.39 -19.01
N ASN A 67 32.25 26.72 -17.87
CA ASN A 67 32.55 27.95 -17.12
C ASN A 67 32.28 29.24 -17.89
N LYS A 68 31.47 29.16 -18.94
CA LYS A 68 31.04 30.35 -19.66
C LYS A 68 29.54 30.56 -19.48
N LYS A 69 29.16 31.70 -18.90
CA LYS A 69 27.76 32.00 -18.63
C LYS A 69 26.93 32.02 -19.91
N LEU A 70 25.77 31.36 -19.85
CA LEU A 70 24.83 31.37 -20.97
C LEU A 70 23.87 32.54 -20.84
N VAL A 71 23.47 33.12 -21.96
CA VAL A 71 22.57 34.26 -21.94
C VAL A 71 21.13 33.84 -22.22
N GLU A 72 20.19 34.48 -21.51
CA GLU A 72 18.77 34.14 -21.62
C GLU A 72 18.16 34.65 -22.91
N GLY A 73 17.42 33.78 -23.59
CA GLY A 73 16.72 34.15 -24.81
C GLY A 73 17.51 33.84 -26.07
N GLU A 74 18.79 34.18 -26.05
CA GLU A 74 19.66 33.97 -27.20
C GLU A 74 20.25 32.56 -27.22
N GLU A 75 20.58 32.04 -26.04
CA GLU A 75 21.24 30.74 -25.95
C GLU A 75 20.39 29.70 -25.22
N TYR A 76 19.47 30.15 -24.38
CA TYR A 76 18.58 29.22 -23.69
C TYR A 76 17.25 29.87 -23.32
N THR A 77 16.24 29.02 -23.10
CA THR A 77 14.95 29.46 -22.60
C THR A 77 14.52 28.60 -21.42
N TYR A 78 13.74 29.18 -20.52
CA TYR A 78 13.25 28.46 -19.35
C TYR A 78 11.82 28.84 -19.03
N ASP A 79 10.93 27.85 -18.97
CA ASP A 79 9.51 28.09 -18.75
C ASP A 79 9.02 27.50 -17.43
N ASN A 80 9.91 27.47 -16.43
CA ASN A 80 9.62 26.93 -15.11
C ASN A 80 9.34 25.43 -15.12
N GLU A 81 9.64 24.77 -16.24
CA GLU A 81 9.44 23.33 -16.34
C GLU A 81 10.58 22.66 -17.10
N PHE A 82 10.95 23.23 -18.24
CA PHE A 82 12.05 22.71 -19.03
C PHE A 82 13.12 23.78 -19.29
N LEU A 83 14.38 23.40 -19.14
CA LEU A 83 15.50 24.26 -19.50
C LEU A 83 16.02 23.86 -20.87
N THR A 84 15.71 24.66 -21.88
CA THR A 84 16.08 24.34 -23.25
C THR A 84 17.31 25.10 -23.71
N ILE A 85 18.41 24.39 -23.91
CA ILE A 85 19.63 24.99 -24.45
C ILE A 85 19.77 24.60 -25.92
N PHE A 86 19.75 25.61 -26.80
CA PHE A 86 19.78 25.39 -28.24
C PHE A 86 21.04 24.64 -28.66
N SER A 87 20.87 23.72 -29.61
CA SER A 87 21.91 22.76 -29.98
C SER A 87 23.21 23.40 -30.47
N LYS A 88 23.11 24.59 -31.07
CA LYS A 88 24.30 25.25 -31.60
C LYS A 88 25.24 25.69 -30.48
N PHE A 89 24.70 25.83 -29.27
CA PHE A 89 25.50 26.22 -28.12
C PHE A 89 25.85 25.00 -27.27
N VAL A 90 25.46 23.82 -27.74
CA VAL A 90 25.76 22.57 -27.05
C VAL A 90 26.97 21.90 -27.69
N PRO A 91 28.00 21.62 -26.87
CA PRO A 91 29.24 20.98 -27.35
C PRO A 91 29.00 19.59 -27.93
N LYS A 92 29.95 19.12 -28.74
CA LYS A 92 29.81 17.82 -29.40
C LYS A 92 30.75 16.78 -28.81
N SER A 93 31.38 17.13 -27.69
CA SER A 93 32.22 16.21 -26.95
C SER A 93 31.95 16.34 -25.45
N LYS A 94 32.83 15.80 -24.63
CA LYS A 94 32.70 15.92 -23.18
C LYS A 94 32.69 17.38 -22.75
N PHE A 95 31.67 17.77 -21.99
CA PHE A 95 31.57 19.14 -21.51
C PHE A 95 31.00 19.19 -20.10
N ALA A 96 31.07 20.37 -19.49
CA ALA A 96 30.57 20.55 -18.14
C ALA A 96 29.44 21.57 -18.11
N PHE A 97 28.28 21.15 -17.61
CA PHE A 97 27.15 22.07 -17.41
C PHE A 97 27.03 22.46 -15.95
N SER A 98 26.98 23.75 -15.68
CA SER A 98 26.88 24.24 -14.31
C SER A 98 25.71 25.20 -14.16
N SER A 99 25.16 25.26 -12.94
CA SER A 99 24.05 26.14 -12.65
C SER A 99 23.96 26.47 -11.16
N GLU A 100 23.36 27.61 -10.85
CA GLU A 100 23.06 27.96 -9.47
C GLU A 100 21.62 28.45 -9.39
N VAL A 101 20.79 27.69 -8.69
CA VAL A 101 19.38 28.04 -8.56
C VAL A 101 18.97 28.24 -7.11
N ILE A 102 17.84 28.90 -6.91
CA ILE A 102 17.29 29.11 -5.58
C ILE A 102 15.97 28.37 -5.41
N ILE A 103 15.88 27.58 -4.35
CA ILE A 103 14.63 26.90 -4.00
C ILE A 103 14.25 27.24 -2.57
N HIS A 104 13.02 26.93 -2.18
CA HIS A 104 12.52 27.31 -0.87
C HIS A 104 11.80 26.16 -0.17
N PRO A 105 12.57 25.28 0.48
CA PRO A 105 12.04 24.10 1.18
C PRO A 105 11.05 24.46 2.30
N GLU A 106 11.16 25.67 2.85
CA GLU A 106 10.29 26.11 3.92
C GLU A 106 8.83 26.17 3.47
N THR A 107 8.60 26.63 2.25
CA THR A 107 7.24 26.81 1.74
C THR A 107 6.87 25.73 0.72
N ASN A 108 7.66 24.67 0.66
CA ASN A 108 7.37 23.54 -0.22
C ASN A 108 6.41 22.58 0.46
N TYR A 109 5.11 22.87 0.38
CA TYR A 109 4.10 22.11 1.09
C TYR A 109 3.59 20.91 0.29
N ALA A 110 4.12 20.74 -0.92
CA ALA A 110 3.76 19.61 -1.75
C ALA A 110 4.52 18.36 -1.32
N LEU A 111 5.51 18.57 -0.45
CA LEU A 111 6.33 17.50 0.11
C LEU A 111 6.99 16.64 -0.96
N THR A 112 7.39 17.29 -2.05
CA THR A 112 8.14 16.63 -3.11
C THR A 112 9.36 17.47 -3.48
N GLY A 113 10.46 16.81 -3.79
CA GLY A 113 11.72 17.48 -3.99
C GLY A 113 12.36 17.75 -2.64
N LEU A 114 12.88 18.95 -2.45
CA LEU A 114 13.46 19.33 -1.16
C LEU A 114 12.46 20.18 -0.36
N TYR A 115 12.13 19.72 0.84
CA TYR A 115 11.16 20.45 1.67
C TYR A 115 11.46 20.35 3.15
N LYS A 116 10.77 21.18 3.93
CA LYS A 116 10.97 21.26 5.37
C LYS A 116 9.78 20.68 6.12
N SER A 117 10.02 19.60 6.86
CA SER A 117 9.00 19.00 7.71
C SER A 117 9.26 19.35 9.17
N LYS A 118 8.41 20.20 9.73
CA LYS A 118 8.61 20.76 11.06
C LYS A 118 9.95 21.47 11.14
N ASN A 119 10.94 20.81 11.74
CA ASN A 119 12.28 21.38 11.82
C ASN A 119 13.33 20.48 11.17
N ILE A 120 12.91 19.74 10.14
CA ILE A 120 13.81 18.85 9.42
C ILE A 120 13.74 19.09 7.92
N ILE A 121 14.88 19.39 7.32
CA ILE A 121 14.97 19.47 5.86
C ILE A 121 15.16 18.07 5.30
N VAL A 122 14.28 17.67 4.39
CA VAL A 122 14.33 16.32 3.85
C VAL A 122 13.99 16.34 2.37
N SER A 123 14.44 15.32 1.64
CA SER A 123 14.20 15.25 0.20
C SER A 123 13.31 14.07 -0.18
N GLN A 124 12.52 14.27 -1.24
CA GLN A 124 11.67 13.23 -1.81
C GLN A 124 11.74 13.34 -3.32
N CYS A 125 12.54 12.46 -3.95
CA CYS A 125 12.89 12.62 -5.36
C CYS A 125 12.17 11.65 -6.29
N GLU A 126 11.59 10.59 -5.74
CA GLU A 126 10.82 9.67 -6.57
C GLU A 126 9.39 10.20 -6.74
N ALA A 127 8.93 10.27 -7.98
CA ALA A 127 9.68 9.82 -9.14
C ALA A 127 10.35 10.97 -9.89
N THR A 128 9.71 12.13 -9.88
CA THR A 128 10.22 13.29 -10.61
C THR A 128 10.49 14.46 -9.68
N GLY A 129 11.08 14.17 -8.53
CA GLY A 129 11.32 15.19 -7.51
C GLY A 129 12.66 15.89 -7.60
N PHE A 130 13.65 15.21 -8.18
CA PHE A 130 15.00 15.77 -8.26
C PHE A 130 15.04 17.02 -9.13
N ARG A 131 14.14 17.11 -10.10
CA ARG A 131 14.07 18.27 -10.98
C ARG A 131 13.57 19.51 -10.25
N ARG A 132 13.04 19.31 -9.04
CA ARG A 132 12.57 20.40 -8.20
C ARG A 132 13.69 20.90 -7.29
N ILE A 133 14.86 20.27 -7.39
CA ILE A 133 16.01 20.66 -6.59
C ILE A 133 17.06 21.32 -7.48
N THR A 134 17.31 20.73 -8.63
CA THR A 134 18.25 21.29 -9.61
C THR A 134 17.95 20.75 -11.01
N PHE A 135 18.58 21.33 -12.02
CA PHE A 135 18.40 20.88 -13.39
C PHE A 135 18.99 19.50 -13.60
N PHE A 136 18.26 18.66 -14.33
CA PHE A 136 18.69 17.29 -14.58
C PHE A 136 17.84 16.66 -15.68
N ILE A 137 18.39 15.65 -16.34
CA ILE A 137 17.59 14.81 -17.23
C ILE A 137 16.90 13.77 -16.36
N ASP A 138 15.79 14.20 -15.77
CA ASP A 138 15.14 13.46 -14.67
C ASP A 138 14.41 12.21 -15.16
N ARG A 139 15.19 11.18 -15.49
CA ARG A 139 14.65 9.88 -15.86
C ARG A 139 15.56 8.77 -15.32
N PRO A 140 14.96 7.65 -14.88
CA PRO A 140 15.67 6.61 -14.13
C PRO A 140 16.81 5.92 -14.86
N ASP A 141 16.88 6.06 -16.19
CA ASP A 141 17.93 5.39 -16.95
C ASP A 141 19.19 6.23 -17.06
N MET A 142 19.16 7.44 -16.50
CA MET A 142 20.33 8.30 -16.46
C MET A 142 21.19 8.02 -15.23
N MET A 143 22.16 7.12 -15.39
CA MET A 143 23.02 6.73 -14.28
C MET A 143 24.21 7.67 -14.13
N ALA A 144 24.47 8.11 -12.90
CA ALA A 144 25.56 9.06 -12.65
C ALA A 144 26.16 8.88 -11.26
N LYS A 145 27.38 9.40 -11.09
CA LYS A 145 28.04 9.42 -9.80
C LYS A 145 27.72 10.72 -9.09
N TYR A 146 27.72 10.70 -7.75
CA TYR A 146 27.30 11.87 -6.98
C TYR A 146 28.31 12.31 -5.93
N ASP A 147 28.60 13.61 -5.94
CA ASP A 147 29.46 14.23 -4.93
C ASP A 147 28.68 15.39 -4.32
N VAL A 148 28.15 15.19 -3.13
CA VAL A 148 27.22 16.15 -2.53
C VAL A 148 27.78 16.83 -1.29
N THR A 149 27.73 18.17 -1.29
CA THR A 149 28.11 18.96 -0.14
C THR A 149 26.93 19.74 0.39
N VAL A 150 26.65 19.60 1.69
CA VAL A 150 25.52 20.28 2.31
C VAL A 150 25.99 21.20 3.43
N THR A 151 25.55 22.46 3.40
CA THR A 151 25.87 23.41 4.44
C THR A 151 24.60 24.01 5.05
N ALA A 152 24.65 24.28 6.35
CA ALA A 152 23.51 24.87 7.05
C ALA A 152 23.96 25.49 8.37
N ASP A 153 23.01 26.07 9.11
CA ASP A 153 23.28 26.58 10.45
C ASP A 153 23.47 25.41 11.39
N LYS A 154 24.58 25.41 12.13
CA LYS A 154 24.94 24.27 12.96
C LYS A 154 23.98 24.05 14.12
N GLU A 155 23.40 25.13 14.63
CA GLU A 155 22.44 25.04 15.72
C GLU A 155 21.14 24.39 15.28
N LYS A 156 20.59 24.87 14.16
CA LYS A 156 19.34 24.34 13.64
C LYS A 156 19.50 22.95 13.03
N TYR A 157 20.60 22.74 12.31
CA TYR A 157 20.80 21.49 11.59
C TYR A 157 22.17 20.84 11.87
N PRO A 158 22.36 20.34 13.09
CA PRO A 158 23.65 19.72 13.44
C PRO A 158 23.90 18.41 12.71
N VAL A 159 22.83 17.72 12.32
CA VAL A 159 22.97 16.44 11.62
C VAL A 159 22.76 16.60 10.13
N LEU A 160 23.78 16.24 9.34
CA LEU A 160 23.68 16.27 7.90
C LEU A 160 23.85 14.87 7.32
N LEU A 161 22.93 14.46 6.46
CA LEU A 161 22.99 13.14 5.85
C LEU A 161 22.78 13.19 4.34
N SER A 162 23.48 12.31 3.64
CA SER A 162 23.29 12.13 2.21
C SER A 162 23.81 10.76 1.81
N ASN A 163 23.82 10.46 0.52
CA ASN A 163 24.24 9.15 0.05
C ASN A 163 25.76 8.98 0.08
N GLY A 164 26.20 7.74 0.28
CA GLY A 164 27.62 7.42 0.22
C GLY A 164 28.37 7.68 1.52
N ASP A 165 29.68 7.87 1.39
CA ASP A 165 30.54 8.10 2.55
C ASP A 165 30.70 9.58 2.85
N LYS A 166 30.51 9.95 4.12
CA LYS A 166 30.82 11.30 4.57
C LYS A 166 32.33 11.46 4.64
N VAL A 167 32.89 12.20 3.70
CA VAL A 167 34.34 12.26 3.55
C VAL A 167 34.96 13.50 4.20
N ASN A 168 34.14 14.50 4.49
CA ASN A 168 34.66 15.72 5.10
C ASN A 168 33.63 16.47 5.93
N GLU A 169 34.07 17.00 7.06
CA GLU A 169 33.24 17.86 7.91
C GLU A 169 34.02 19.12 8.26
N PHE A 170 33.43 20.28 8.01
CA PHE A 170 34.13 21.54 8.18
C PHE A 170 33.26 22.64 8.77
N GLU A 171 33.90 23.56 9.48
CA GLU A 171 33.21 24.71 10.06
C GLU A 171 33.13 25.85 9.04
N ILE A 172 32.07 26.65 9.16
CA ILE A 172 31.87 27.79 8.28
C ILE A 172 31.59 29.04 9.11
N PRO A 173 32.27 30.15 8.80
CA PRO A 173 32.06 31.43 9.50
C PRO A 173 30.60 31.84 9.52
N GLY A 174 30.13 32.32 10.69
CA GLY A 174 28.75 32.74 10.82
C GLY A 174 27.89 31.73 11.55
N GLY A 175 28.54 30.74 12.16
CA GLY A 175 27.84 29.70 12.90
C GLY A 175 27.28 28.62 12.00
N ARG A 176 27.91 28.43 10.85
CA ARG A 176 27.47 27.40 9.90
C ARG A 176 28.44 26.24 9.86
N HIS A 177 27.99 25.13 9.27
CA HIS A 177 28.83 23.95 9.13
C HIS A 177 28.54 23.26 7.80
N GLY A 178 29.41 22.34 7.41
CA GLY A 178 29.27 21.65 6.14
C GLY A 178 29.75 20.22 6.18
N ALA A 179 29.17 19.40 5.30
CA ALA A 179 29.55 18.00 5.19
C ALA A 179 29.55 17.55 3.73
N ARG A 180 30.60 16.84 3.34
CA ARG A 180 30.74 16.35 1.98
C ARG A 180 30.52 14.84 1.90
N PHE A 181 29.63 14.43 1.00
CA PHE A 181 29.33 13.02 0.81
C PHE A 181 29.67 12.57 -0.61
N ASN A 182 30.55 11.59 -0.72
CA ASN A 182 30.91 11.05 -2.03
C ASN A 182 30.32 9.66 -2.22
N ASP A 183 29.53 9.49 -3.27
CA ASP A 183 28.90 8.22 -3.57
C ASP A 183 29.30 7.71 -4.96
N PRO A 184 30.44 7.02 -5.04
CA PRO A 184 31.01 6.51 -6.29
C PRO A 184 30.09 5.62 -7.16
N PRO A 185 29.32 4.69 -6.57
CA PRO A 185 28.53 3.85 -7.48
C PRO A 185 27.46 4.60 -8.24
N LEU A 186 27.29 4.27 -9.52
CA LEU A 186 26.27 4.88 -10.36
C LEU A 186 24.87 4.66 -9.81
N LYS A 187 24.03 5.68 -9.88
CA LYS A 187 22.65 5.56 -9.44
C LYS A 187 21.76 6.58 -10.16
N PRO A 188 20.46 6.23 -10.31
CA PRO A 188 19.48 7.18 -10.83
C PRO A 188 19.19 8.28 -9.82
N CYS A 189 18.72 9.44 -10.29
CA CYS A 189 18.59 10.61 -9.44
C CYS A 189 17.45 10.50 -8.41
N TYR A 190 16.52 9.59 -8.62
CA TYR A 190 15.42 9.43 -7.68
C TYR A 190 15.91 8.70 -6.42
N LEU A 191 17.12 8.15 -6.48
CA LEU A 191 17.73 7.49 -5.34
C LEU A 191 18.66 8.45 -4.59
N PHE A 192 18.71 9.69 -5.05
CA PHE A 192 19.45 10.74 -4.33
C PHE A 192 18.64 11.20 -3.12
N ALA A 193 19.32 11.52 -2.03
CA ALA A 193 18.64 12.02 -0.84
C ALA A 193 19.56 12.90 0.01
N VAL A 194 18.94 13.83 0.73
CA VAL A 194 19.66 14.67 1.67
C VAL A 194 18.77 14.95 2.89
N VAL A 195 19.36 14.86 4.07
CA VAL A 195 18.63 15.14 5.31
C VAL A 195 19.40 16.13 6.18
N ALA A 196 18.70 17.12 6.71
CA ALA A 196 19.30 18.09 7.61
C ALA A 196 18.35 18.41 8.76
N GLY A 197 18.87 18.37 9.98
CA GLY A 197 18.06 18.67 11.15
C GLY A 197 18.72 18.35 12.47
N ASP A 198 18.01 18.62 13.56
CA ASP A 198 18.50 18.30 14.90
C ASP A 198 18.00 16.91 15.29
N LEU A 199 18.65 15.89 14.73
CA LEU A 199 18.19 14.52 14.88
C LEU A 199 18.89 13.78 16.02
N LYS A 200 18.12 12.97 16.73
CA LYS A 200 18.67 12.04 17.72
C LYS A 200 18.53 10.63 17.16
N HIS A 201 19.31 9.70 17.68
CA HIS A 201 19.37 8.38 17.06
C HIS A 201 19.57 7.21 18.01
N LEU A 202 19.19 6.02 17.54
CA LEU A 202 19.60 4.77 18.13
C LEU A 202 20.48 4.05 17.13
N SER A 203 21.50 3.35 17.59
CA SER A 203 22.44 2.69 16.68
C SER A 203 22.70 1.25 17.07
N ALA A 204 23.18 0.47 16.10
CA ALA A 204 23.54 -0.93 16.30
C ALA A 204 24.49 -1.39 15.21
N THR A 205 25.21 -2.47 15.48
CA THR A 205 26.14 -3.01 14.50
C THR A 205 25.69 -4.39 14.01
N TYR A 206 25.46 -4.50 12.71
CA TYR A 206 25.07 -5.76 12.11
C TYR A 206 26.25 -6.38 11.37
N ILE A 207 26.51 -7.65 11.65
CA ILE A 207 27.57 -8.38 10.96
C ILE A 207 26.96 -9.33 9.94
N THR A 208 27.30 -9.15 8.67
CA THR A 208 26.72 -9.93 7.59
C THR A 208 27.04 -11.42 7.72
N LYS A 209 26.27 -12.24 6.99
CA LYS A 209 26.31 -13.69 7.16
C LYS A 209 27.53 -14.34 6.54
N TYR A 210 27.85 -13.96 5.30
CA TYR A 210 28.91 -14.63 4.54
C TYR A 210 30.23 -13.85 4.57
N THR A 211 30.20 -12.62 4.09
CA THR A 211 31.42 -11.81 4.02
C THR A 211 31.81 -11.24 5.39
N LYS A 212 30.91 -11.37 6.35
CA LYS A 212 31.13 -10.91 7.73
C LYS A 212 31.45 -9.42 7.82
N LYS A 213 30.96 -8.66 6.84
CA LYS A 213 31.12 -7.21 6.86
C LYS A 213 30.28 -6.59 7.97
N LYS A 214 30.89 -5.72 8.76
CA LYS A 214 30.15 -5.04 9.83
C LYS A 214 29.40 -3.85 9.24
N VAL A 215 28.16 -3.67 9.66
CA VAL A 215 27.32 -2.61 9.12
C VAL A 215 26.72 -1.77 10.25
N GLU A 216 26.97 -0.46 10.18
CA GLU A 216 26.41 0.47 11.15
C GLU A 216 24.96 0.80 10.80
N LEU A 217 24.07 0.55 11.75
CA LEU A 217 22.65 0.82 11.55
C LEU A 217 22.19 2.02 12.37
N TYR A 218 21.63 3.01 11.70
CA TYR A 218 21.16 4.21 12.38
C TYR A 218 19.68 4.49 12.10
N VAL A 219 18.93 4.78 13.15
CA VAL A 219 17.54 5.21 13.02
C VAL A 219 17.39 6.61 13.62
N PHE A 220 16.82 7.53 12.84
CA PHE A 220 16.75 8.94 13.25
C PHE A 220 15.32 9.44 13.44
N SER A 221 15.17 10.38 14.36
CA SER A 221 13.91 11.08 14.59
C SER A 221 14.20 12.37 15.35
N GLU A 222 13.17 13.19 15.55
CA GLU A 222 13.32 14.38 16.37
C GLU A 222 13.51 13.96 17.82
N GLU A 223 14.04 14.85 18.64
CA GLU A 223 14.43 14.53 20.01
C GLU A 223 13.26 14.04 20.87
N LYS A 224 12.07 14.59 20.62
CA LYS A 224 10.90 14.28 21.43
C LYS A 224 10.48 12.80 21.33
N TYR A 225 10.65 12.21 20.16
CA TYR A 225 10.17 10.85 19.93
C TYR A 225 11.30 9.85 19.66
N VAL A 226 12.48 10.12 20.20
CA VAL A 226 13.63 9.26 19.98
C VAL A 226 13.44 7.89 20.65
N SER A 227 12.61 7.86 21.69
CA SER A 227 12.37 6.63 22.43
C SER A 227 11.35 5.71 21.73
N LYS A 228 10.99 6.07 20.51
CA LYS A 228 10.05 5.28 19.73
C LYS A 228 10.73 4.63 18.52
N LEU A 229 12.06 4.58 18.58
CA LEU A 229 12.87 4.09 17.46
C LEU A 229 13.29 2.63 17.62
N GLN A 230 13.06 2.07 18.80
CA GLN A 230 13.55 0.73 19.14
C GLN A 230 13.05 -0.36 18.20
N TRP A 231 11.74 -0.40 17.98
CA TRP A 231 11.13 -1.44 17.16
C TRP A 231 11.60 -1.37 15.71
N ALA A 232 11.81 -0.15 15.21
CA ALA A 232 12.29 0.06 13.85
C ALA A 232 13.70 -0.52 13.67
N LEU A 233 14.53 -0.37 14.69
CA LEU A 233 15.89 -0.88 14.67
C LEU A 233 15.88 -2.41 14.64
N GLU A 234 14.99 -3.01 15.43
CA GLU A 234 14.86 -4.45 15.46
C GLU A 234 14.35 -4.98 14.12
N CYS A 235 13.41 -4.25 13.52
CA CYS A 235 12.86 -4.62 12.22
C CYS A 235 13.93 -4.59 11.14
N LEU A 236 14.83 -3.61 11.23
CA LEU A 236 15.90 -3.47 10.27
C LEU A 236 16.83 -4.68 10.35
N LYS A 237 17.15 -5.11 11.57
CA LYS A 237 17.95 -6.29 11.80
C LYS A 237 17.27 -7.53 11.21
N LYS A 238 15.97 -7.65 11.47
CA LYS A 238 15.19 -8.76 10.96
C LYS A 238 15.17 -8.79 9.44
N SER A 239 15.09 -7.60 8.83
CA SER A 239 15.02 -7.49 7.39
CA SER A 239 15.01 -7.48 7.39
C SER A 239 16.30 -7.96 6.72
N MET A 240 17.44 -7.55 7.28
CA MET A 240 18.74 -7.93 6.74
C MET A 240 18.98 -9.43 6.85
N ALA A 241 18.57 -10.01 7.97
CA ALA A 241 18.74 -11.44 8.20
C ALA A 241 17.90 -12.28 7.24
N PHE A 242 16.67 -11.83 7.00
CA PHE A 242 15.76 -12.55 6.12
C PHE A 242 16.26 -12.58 4.68
N ASP A 243 16.73 -11.42 4.20
CA ASP A 243 17.24 -11.33 2.84
C ASP A 243 18.49 -12.20 2.67
N GLU A 244 19.20 -12.40 3.78
CA GLU A 244 20.37 -13.27 3.80
C GLU A 244 19.96 -14.74 3.83
N ASP A 245 18.98 -15.06 4.67
CA ASP A 245 18.58 -16.45 4.87
C ASP A 245 17.77 -16.99 3.71
N TYR A 246 16.91 -16.14 3.14
CA TYR A 246 16.01 -16.59 2.07
C TYR A 246 16.61 -16.40 0.69
N PHE A 247 17.12 -15.20 0.42
CA PHE A 247 17.61 -14.87 -0.91
C PHE A 247 19.14 -14.92 -1.01
N GLY A 248 19.81 -15.06 0.13
CA GLY A 248 21.26 -15.12 0.14
C GLY A 248 21.91 -13.80 -0.21
N LEU A 249 21.23 -12.70 0.11
CA LEU A 249 21.70 -11.37 -0.25
C LEU A 249 22.17 -10.59 0.96
N GLU A 250 23.37 -10.00 0.86
CA GLU A 250 23.91 -9.17 1.93
C GLU A 250 23.85 -7.69 1.57
N TYR A 251 23.82 -6.85 2.59
CA TYR A 251 23.87 -5.41 2.41
C TYR A 251 25.25 -5.03 1.89
N ASP A 252 25.29 -4.15 0.89
CA ASP A 252 26.53 -3.84 0.18
C ASP A 252 27.33 -2.69 0.81
N LEU A 253 26.65 -1.84 1.57
CA LEU A 253 27.30 -0.66 2.12
C LEU A 253 27.71 -0.87 3.58
N SER A 254 28.48 0.07 4.11
CA SER A 254 28.99 -0.05 5.48
C SER A 254 28.08 0.63 6.50
N ARG A 255 27.04 1.31 6.01
CA ARG A 255 26.11 2.00 6.89
C ARG A 255 24.74 2.20 6.24
N LEU A 256 23.69 2.04 7.04
CA LEU A 256 22.34 2.27 6.58
C LEU A 256 21.61 3.21 7.55
N ASN A 257 20.94 4.22 7.00
CA ASN A 257 20.24 5.20 7.80
C ASN A 257 18.73 5.18 7.59
N LEU A 258 17.98 5.19 8.69
CA LEU A 258 16.53 5.35 8.64
C LEU A 258 16.14 6.66 9.32
N VAL A 259 15.34 7.47 8.65
CA VAL A 259 14.95 8.77 9.18
C VAL A 259 13.43 8.97 9.11
N ALA A 260 12.84 9.40 10.22
CA ALA A 260 11.40 9.65 10.27
C ALA A 260 11.09 11.14 10.23
N VAL A 261 10.15 11.51 9.38
CA VAL A 261 9.66 12.89 9.33
C VAL A 261 8.14 12.91 9.53
N SER A 262 7.63 14.02 10.03
CA SER A 262 6.21 14.13 10.35
C SER A 262 5.35 14.33 9.10
N ASP A 263 5.88 15.05 8.13
CA ASP A 263 5.15 15.34 6.91
C ASP A 263 5.65 14.50 5.74
N PHE A 264 4.82 13.55 5.30
CA PHE A 264 5.20 12.65 4.22
C PHE A 264 3.96 12.18 3.46
N ASN A 265 4.05 12.15 2.14
CA ASN A 265 2.91 11.82 1.29
C ASN A 265 2.49 10.35 1.37
N VAL A 266 3.48 9.47 1.45
CA VAL A 266 3.21 8.03 1.52
C VAL A 266 3.81 7.43 2.79
N GLY A 267 4.04 6.11 2.75
CA GLY A 267 4.58 5.40 3.90
C GLY A 267 6.05 5.66 4.12
N ALA A 268 6.82 5.57 3.03
CA ALA A 268 8.26 5.82 3.09
C ALA A 268 8.82 5.96 1.68
N SER A 269 10.15 5.94 1.59
CA SER A 269 10.84 5.98 0.32
C SER A 269 12.23 5.41 0.48
N GLU A 270 12.77 4.82 -0.58
CA GLU A 270 14.12 4.28 -0.51
C GLU A 270 15.11 5.17 -1.23
N ASN A 271 16.28 5.30 -0.63
CA ASN A 271 17.44 5.92 -1.27
C ASN A 271 18.64 5.12 -0.85
N LYS A 272 19.73 5.18 -1.61
CA LYS A 272 20.89 4.35 -1.34
C LYS A 272 21.51 4.67 0.01
N GLY A 273 21.39 3.72 0.94
CA GLY A 273 21.96 3.86 2.27
C GLY A 273 21.24 4.85 3.16
N LEU A 274 20.09 5.32 2.71
CA LEU A 274 19.37 6.37 3.43
C LEU A 274 17.86 6.33 3.12
N ASN A 275 17.12 5.60 3.94
CA ASN A 275 15.68 5.50 3.76
C ASN A 275 14.94 6.52 4.63
N ILE A 276 13.94 7.17 4.04
CA ILE A 276 13.21 8.24 4.73
C ILE A 276 11.75 7.85 4.93
N PHE A 277 11.30 7.90 6.18
CA PHE A 277 10.01 7.35 6.56
C PHE A 277 8.98 8.38 7.01
N ASN A 278 7.72 8.13 6.69
CA ASN A 278 6.61 8.75 7.41
C ASN A 278 6.72 8.29 8.86
N ALA A 279 6.57 9.23 9.79
CA ALA A 279 6.74 8.92 11.20
C ALA A 279 5.81 7.82 11.68
N ASN A 280 4.62 7.73 11.09
CA ASN A 280 3.65 6.71 11.49
C ASN A 280 4.03 5.32 11.02
N SER A 281 5.10 5.23 10.25
CA SER A 281 5.58 3.94 9.74
C SER A 281 7.02 3.65 10.16
N LEU A 282 7.48 4.33 11.21
CA LEU A 282 8.81 4.08 11.75
C LEU A 282 8.83 4.17 13.27
N LEU A 283 8.02 5.06 13.83
CA LEU A 283 7.99 5.29 15.27
C LEU A 283 6.84 4.58 15.97
N ALA A 284 7.12 3.99 17.13
CA ALA A 284 6.08 3.35 17.94
C ALA A 284 6.55 3.07 19.36
N SER A 285 5.59 3.05 20.29
CA SER A 285 5.83 2.60 21.65
C SER A 285 4.55 1.95 22.18
N LYS A 286 4.70 1.01 23.10
CA LYS A 286 3.55 0.29 23.66
C LYS A 286 2.51 1.22 24.28
N LYS A 287 2.98 2.36 24.79
CA LYS A 287 2.11 3.30 25.49
C LYS A 287 1.45 4.29 24.54
N ASN A 288 2.10 4.60 23.43
CA ASN A 288 1.62 5.65 22.54
C ASN A 288 1.29 5.21 21.12
N SER A 289 1.10 3.91 20.92
CA SER A 289 0.78 3.39 19.61
C SER A 289 -0.24 2.25 19.67
N ILE A 290 -1.13 2.19 18.68
CA ILE A 290 -2.03 1.06 18.55
C ILE A 290 -1.25 -0.14 18.01
N ASP A 291 -1.85 -1.32 18.10
CA ASP A 291 -1.17 -2.55 17.71
C ASP A 291 -0.77 -2.56 16.24
N PHE A 292 -1.53 -1.85 15.42
CA PHE A 292 -1.32 -1.82 13.97
C PHE A 292 0.05 -1.29 13.56
N SER A 293 0.58 -0.35 14.35
CA SER A 293 1.86 0.29 14.04
C SER A 293 3.01 -0.71 13.92
N TYR A 294 2.90 -1.82 14.64
CA TYR A 294 4.00 -2.78 14.72
C TYR A 294 4.13 -3.64 13.48
N ALA A 295 2.99 -4.08 12.93
CA ALA A 295 3.01 -4.78 11.65
C ALA A 295 3.36 -3.78 10.55
N ARG A 296 2.86 -2.56 10.69
CA ARG A 296 3.11 -1.50 9.73
C ARG A 296 4.59 -1.17 9.62
N ILE A 297 5.24 -0.92 10.75
CA ILE A 297 6.66 -0.57 10.75
C ILE A 297 7.50 -1.73 10.23
N LEU A 298 7.15 -2.95 10.62
CA LEU A 298 7.84 -4.14 10.16
C LEU A 298 7.85 -4.25 8.63
N THR A 299 6.67 -4.12 8.03
CA THR A 299 6.53 -4.24 6.58
C THR A 299 7.21 -3.11 5.83
N VAL A 300 7.04 -1.88 6.31
CA VAL A 300 7.58 -0.71 5.62
C VAL A 300 9.10 -0.66 5.71
N VAL A 301 9.65 -0.87 6.91
CA VAL A 301 11.10 -0.95 7.09
C VAL A 301 11.67 -2.07 6.23
N GLY A 302 10.98 -3.21 6.23
CA GLY A 302 11.38 -4.33 5.41
C GLY A 302 11.36 -3.97 3.93
N HIS A 303 10.25 -3.37 3.50
CA HIS A 303 10.06 -2.99 2.11
C HIS A 303 11.22 -2.12 1.58
N GLU A 304 11.53 -1.04 2.29
CA GLU A 304 12.55 -0.11 1.83
C GLU A 304 13.94 -0.74 1.85
N TYR A 305 14.15 -1.73 2.70
CA TYR A 305 15.43 -2.43 2.75
C TYR A 305 15.56 -3.40 1.58
N PHE A 306 14.47 -4.04 1.19
CA PHE A 306 14.51 -5.00 0.11
C PHE A 306 14.71 -4.29 -1.23
N HIS A 307 14.48 -2.99 -1.24
CA HIS A 307 14.77 -2.15 -2.40
C HIS A 307 16.27 -2.02 -2.64
N GLN A 308 17.04 -2.16 -1.55
CA GLN A 308 18.48 -1.90 -1.60
C GLN A 308 19.23 -2.80 -2.57
N TYR A 309 19.12 -4.11 -2.40
CA TYR A 309 19.93 -5.05 -3.17
C TYR A 309 19.54 -5.06 -4.65
N THR A 310 18.23 -5.04 -4.93
CA THR A 310 17.77 -4.99 -6.31
C THR A 310 18.10 -3.63 -6.93
N GLY A 311 17.87 -2.57 -6.16
CA GLY A 311 18.16 -1.23 -6.61
C GLY A 311 19.64 -0.99 -6.86
N ASN A 312 20.48 -1.80 -6.22
CA ASN A 312 21.92 -1.68 -6.35
C ASN A 312 22.43 -2.14 -7.71
N ARG A 313 21.74 -3.10 -8.32
CA ARG A 313 22.21 -3.71 -9.56
C ARG A 313 21.22 -3.56 -10.71
N VAL A 314 19.96 -3.27 -10.38
CA VAL A 314 18.92 -3.12 -11.39
C VAL A 314 17.80 -2.20 -10.92
N LEU A 316 16.11 0.08 -13.51
CA LEU A 316 14.82 0.48 -14.06
C LEU A 316 15.02 1.34 -15.30
N ARG A 317 14.59 0.83 -16.45
CA ARG A 317 14.79 1.52 -17.72
C ARG A 317 13.92 2.77 -17.82
N ASP A 318 12.63 2.60 -17.56
CA ASP A 318 11.69 3.72 -17.57
C ASP A 318 10.60 3.50 -16.52
N TRP A 319 9.76 4.50 -16.30
CA TRP A 319 8.79 4.45 -15.22
C TRP A 319 7.61 3.51 -15.50
N PHE A 320 7.47 3.09 -16.75
CA PHE A 320 6.43 2.12 -17.09
C PHE A 320 6.73 0.77 -16.45
N GLN A 321 8.01 0.54 -16.15
CA GLN A 321 8.44 -0.71 -15.53
C GLN A 321 8.39 -0.62 -14.00
N LEU A 322 7.58 0.29 -13.49
CA LEU A 322 7.50 0.54 -12.05
C LEU A 322 7.15 -0.72 -11.25
N THR A 323 6.29 -1.56 -11.82
CA THR A 323 5.84 -2.76 -11.12
C THR A 323 6.96 -3.79 -11.00
N LEU A 324 8.01 -3.63 -11.79
CA LEU A 324 9.15 -4.54 -11.74
C LEU A 324 9.90 -4.39 -10.42
N LYS A 325 9.98 -3.18 -9.90
CA LYS A 325 10.69 -2.95 -8.65
C LYS A 325 9.73 -2.84 -7.48
N GLU A 326 8.49 -2.44 -7.74
CA GLU A 326 7.52 -2.30 -6.66
C GLU A 326 6.76 -3.59 -6.39
N GLY A 327 6.29 -4.24 -7.46
CA GLY A 327 5.60 -5.51 -7.32
C GLY A 327 6.52 -6.56 -6.70
N LEU A 328 7.76 -6.55 -7.12
CA LEU A 328 8.73 -7.46 -6.61
C LEU A 328 9.09 -7.21 -5.14
N THR A 329 9.25 -5.95 -4.81
CA THR A 329 9.60 -5.58 -3.48
C THR A 329 8.47 -5.87 -2.49
N VAL A 330 7.25 -5.55 -2.88
CA VAL A 330 6.09 -5.81 -2.03
C VAL A 330 5.94 -7.31 -1.83
N HIS A 331 6.24 -8.08 -2.87
CA HIS A 331 6.24 -9.53 -2.79
C HIS A 331 7.28 -10.01 -1.79
N ARG A 332 8.48 -9.45 -1.87
CA ARG A 332 9.55 -9.76 -0.94
C ARG A 332 9.19 -9.26 0.46
N GLU A 333 8.50 -8.13 0.51
CA GLU A 333 8.00 -7.56 1.76
C GLU A 333 6.99 -8.50 2.41
N ASN A 334 6.10 -9.05 1.61
CA ASN A 334 5.06 -9.94 2.12
C ASN A 334 5.61 -11.28 2.60
N LEU A 335 6.58 -11.83 1.87
CA LEU A 335 7.25 -13.05 2.29
C LEU A 335 7.93 -12.84 3.64
N PHE A 336 8.49 -11.65 3.81
CA PHE A 336 9.16 -11.27 5.05
C PHE A 336 8.18 -11.22 6.22
N SER A 337 7.05 -10.54 6.01
CA SER A 337 6.05 -10.36 7.04
C SER A 337 5.46 -11.68 7.51
N GLU A 338 5.14 -12.56 6.56
CA GLU A 338 4.58 -13.86 6.85
C GLU A 338 5.53 -14.69 7.70
N GLU A 339 6.82 -14.59 7.40
CA GLU A 339 7.85 -15.33 8.12
C GLU A 339 8.06 -14.77 9.53
N MET A 340 7.95 -13.46 9.66
CA MET A 340 8.18 -12.81 10.95
C MET A 340 6.98 -12.93 11.89
N THR A 341 5.79 -12.70 11.36
CA THR A 341 4.58 -12.71 12.18
C THR A 341 4.14 -14.13 12.54
N LYS A 342 4.39 -15.06 11.63
CA LYS A 342 3.99 -16.46 11.81
C LYS A 342 2.49 -16.60 12.10
N THR A 343 1.70 -15.70 11.51
CA THR A 343 0.25 -15.73 11.65
C THR A 343 -0.38 -15.84 10.27
N VAL A 344 -1.44 -16.63 10.16
CA VAL A 344 -2.12 -16.83 8.88
C VAL A 344 -2.87 -15.57 8.45
N THR A 345 -3.18 -14.71 9.40
CA THR A 345 -3.92 -13.48 9.13
C THR A 345 -3.10 -12.47 8.34
N THR A 346 -1.78 -12.63 8.35
CA THR A 346 -0.90 -11.76 7.59
C THR A 346 -1.20 -11.89 6.10
N ARG A 347 -1.14 -13.11 5.60
CA ARG A 347 -1.48 -13.40 4.21
C ARG A 347 -2.93 -13.04 3.93
N LEU A 348 -3.81 -13.35 4.88
CA LEU A 348 -5.23 -13.03 4.74
C LEU A 348 -5.45 -11.52 4.62
N SER A 349 -4.67 -10.75 5.36
CA SER A 349 -4.78 -9.30 5.34
C SER A 349 -4.42 -8.71 3.98
N HIS A 350 -3.42 -9.30 3.33
CA HIS A 350 -2.98 -8.85 2.01
CA HIS A 350 -3.00 -8.81 2.02
C HIS A 350 -4.05 -9.13 0.96
N VAL A 351 -4.66 -10.32 1.07
CA VAL A 351 -5.72 -10.72 0.15
C VAL A 351 -6.94 -9.84 0.34
N ASP A 352 -7.27 -9.58 1.60
CA ASP A 352 -8.41 -8.74 1.95
C ASP A 352 -8.29 -7.35 1.35
N LEU A 353 -7.08 -6.82 1.33
CA LEU A 353 -6.83 -5.49 0.79
C LEU A 353 -6.91 -5.50 -0.75
N LEU A 354 -6.38 -6.55 -1.36
CA LEU A 354 -6.39 -6.67 -2.81
C LEU A 354 -7.81 -6.79 -3.36
N ARG A 355 -8.61 -7.67 -2.77
CA ARG A 355 -9.94 -7.95 -3.27
C ARG A 355 -10.93 -6.84 -2.96
N SER A 356 -10.57 -5.96 -2.04
CA SER A 356 -11.42 -4.83 -1.72
C SER A 356 -11.01 -3.57 -2.48
N VAL A 357 -9.78 -3.12 -2.25
CA VAL A 357 -9.29 -1.87 -2.82
C VAL A 357 -8.89 -2.02 -4.29
N GLN A 358 -8.05 -3.00 -4.59
CA GLN A 358 -7.51 -3.14 -5.93
C GLN A 358 -8.55 -3.65 -6.94
N PHE A 359 -9.41 -4.56 -6.50
CA PHE A 359 -10.47 -5.07 -7.36
C PHE A 359 -11.43 -3.96 -7.75
N LEU A 360 -11.73 -3.07 -6.80
CA LEU A 360 -12.54 -1.89 -7.06
C LEU A 360 -11.91 -1.05 -8.16
N GLU A 361 -10.63 -0.77 -8.01
CA GLU A 361 -9.88 0.03 -8.97
C GLU A 361 -9.86 -0.62 -10.35
N ASP A 362 -9.73 -1.95 -10.38
CA ASP A 362 -9.60 -2.67 -11.64
C ASP A 362 -10.93 -2.79 -12.39
N SER A 363 -12.03 -2.46 -11.72
CA SER A 363 -13.34 -2.46 -12.36
C SER A 363 -13.88 -1.04 -12.47
N SER A 364 -13.05 -0.06 -12.12
CA SER A 364 -13.39 1.35 -12.21
C SER A 364 -12.90 1.92 -13.53
N PRO A 365 -13.30 3.15 -13.87
CA PRO A 365 -12.72 3.80 -15.05
C PRO A 365 -11.22 4.03 -14.96
N LEU A 366 -10.66 3.86 -13.76
CA LEU A 366 -9.22 4.04 -13.54
C LEU A 366 -8.43 2.76 -13.80
N SER A 367 -9.14 1.72 -14.26
CA SER A 367 -8.53 0.41 -14.47
C SER A 367 -7.33 0.46 -15.42
N HIS A 368 -6.25 -0.19 -15.02
CA HIS A 368 -5.03 -0.21 -15.82
C HIS A 368 -4.24 -1.48 -15.51
N PRO A 369 -3.44 -1.95 -16.48
CA PRO A 369 -2.57 -3.09 -16.20
C PRO A 369 -1.43 -2.69 -15.27
N ILE A 370 -0.75 -3.67 -14.67
CA ILE A 370 0.35 -3.37 -13.75
C ILE A 370 1.50 -2.69 -14.47
N ARG A 371 1.53 -2.83 -15.80
CA ARG A 371 2.42 -2.03 -16.64
C ARG A 371 1.59 -1.28 -17.68
N PRO A 372 1.18 -0.04 -17.34
CA PRO A 372 0.37 0.81 -18.21
C PRO A 372 1.07 1.18 -19.50
N GLU A 373 0.30 1.54 -20.53
CA GLU A 373 0.86 1.90 -21.82
C GLU A 373 1.13 3.40 -21.92
N SER A 374 0.55 4.17 -20.99
CA SER A 374 0.70 5.62 -21.02
C SER A 374 0.42 6.28 -19.67
N TYR A 375 0.85 7.53 -19.53
CA TYR A 375 0.55 8.32 -18.35
C TYR A 375 0.72 9.81 -18.63
N VAL A 376 0.10 10.63 -17.79
CA VAL A 376 0.30 12.08 -17.84
C VAL A 376 1.04 12.52 -16.58
N SER A 377 0.58 12.03 -15.44
CA SER A 377 1.22 12.33 -14.16
C SER A 377 1.81 11.07 -13.54
N MET A 378 3.10 11.13 -13.21
CA MET A 378 3.78 10.00 -12.59
C MET A 378 3.38 9.84 -11.12
N GLU A 379 2.83 10.90 -10.54
CA GLU A 379 2.42 10.87 -9.14
C GLU A 379 1.15 10.04 -8.97
N ASN A 380 0.44 9.80 -10.07
CA ASN A 380 -0.76 8.98 -10.06
C ASN A 380 -0.47 7.57 -10.55
N PHE A 381 0.80 7.27 -10.75
CA PHE A 381 1.24 6.00 -11.29
C PHE A 381 1.38 4.95 -10.19
N TYR A 382 1.59 5.42 -8.97
CA TYR A 382 1.86 4.54 -7.83
C TYR A 382 0.55 4.07 -7.19
N THR A 383 -0.06 3.07 -7.81
CA THR A 383 -1.38 2.61 -7.42
C THR A 383 -1.34 1.23 -6.78
N THR A 384 -2.46 0.82 -6.20
CA THR A 384 -2.60 -0.52 -5.62
C THR A 384 -2.51 -1.59 -6.70
N THR A 385 -2.81 -1.22 -7.93
CA THR A 385 -2.69 -2.14 -9.06
C THR A 385 -1.22 -2.45 -9.33
N VAL A 386 -0.43 -1.41 -9.51
CA VAL A 386 1.01 -1.56 -9.75
C VAL A 386 1.69 -2.26 -8.58
N TYR A 387 1.29 -1.89 -7.36
CA TYR A 387 1.91 -2.40 -6.16
C TYR A 387 1.40 -3.79 -5.75
N ASP A 388 0.09 -3.90 -5.51
CA ASP A 388 -0.46 -5.10 -4.89
C ASP A 388 -0.83 -6.19 -5.90
N LYS A 389 -1.40 -5.82 -7.03
CA LYS A 389 -1.62 -6.81 -8.09
C LYS A 389 -0.27 -7.23 -8.66
N GLY A 390 0.64 -6.26 -8.77
CA GLY A 390 1.99 -6.54 -9.21
C GLY A 390 2.68 -7.54 -8.30
N SER A 391 2.43 -7.40 -7.00
CA SER A 391 2.99 -8.33 -6.02
CA SER A 391 3.00 -8.32 -6.02
C SER A 391 2.45 -9.74 -6.20
N GLU A 392 1.15 -9.83 -6.48
CA GLU A 392 0.51 -11.12 -6.70
C GLU A 392 1.04 -11.79 -7.96
N VAL A 393 1.34 -10.98 -8.98
CA VAL A 393 1.91 -11.48 -10.22
C VAL A 393 3.31 -12.04 -9.96
N MET A 394 4.08 -11.31 -9.15
CA MET A 394 5.42 -11.76 -8.77
C MET A 394 5.35 -12.99 -7.87
N ARG A 395 4.31 -13.05 -7.05
CA ARG A 395 4.12 -14.17 -6.13
C ARG A 395 3.77 -15.45 -6.89
N MET A 396 3.03 -15.30 -7.99
CA MET A 396 2.62 -16.44 -8.79
C MET A 396 3.82 -17.18 -9.39
N TYR A 397 4.89 -16.43 -9.66
CA TYR A 397 6.14 -17.05 -10.12
C TYR A 397 6.61 -18.10 -9.13
N LEU A 398 6.54 -17.76 -7.85
CA LEU A 398 6.96 -18.67 -6.78
C LEU A 398 6.05 -19.88 -6.69
N THR A 399 4.74 -19.66 -6.83
CA THR A 399 3.76 -20.73 -6.78
C THR A 399 3.99 -21.72 -7.93
N ILE A 400 4.25 -21.19 -9.12
CA ILE A 400 4.47 -22.02 -10.30
C ILE A 400 5.78 -22.80 -10.22
N LEU A 401 6.85 -22.12 -9.83
CA LEU A 401 8.19 -22.70 -9.86
C LEU A 401 8.55 -23.50 -8.61
N GLY A 402 7.91 -23.16 -7.49
CA GLY A 402 8.28 -23.74 -6.21
C GLY A 402 9.44 -22.97 -5.63
N GLU A 403 9.71 -23.17 -4.34
CA GLU A 403 10.71 -22.36 -3.64
C GLU A 403 12.13 -22.55 -4.17
N GLU A 404 12.48 -23.79 -4.52
CA GLU A 404 13.83 -24.09 -4.98
C GLU A 404 14.13 -23.44 -6.33
N TYR A 405 13.26 -23.64 -7.30
CA TYR A 405 13.48 -23.13 -8.65
C TYR A 405 13.23 -21.63 -8.77
N TYR A 406 12.40 -21.07 -7.89
CA TYR A 406 12.15 -19.63 -7.90
C TYR A 406 13.41 -18.86 -7.50
N LYS A 407 14.11 -19.37 -6.49
CA LYS A 407 15.34 -18.75 -6.03
C LYS A 407 16.43 -18.84 -7.11
N LYS A 408 16.33 -19.87 -7.94
CA LYS A 408 17.24 -20.01 -9.07
C LYS A 408 16.94 -18.94 -10.12
N GLY A 409 15.67 -18.80 -10.47
CA GLY A 409 15.24 -17.80 -11.43
C GLY A 409 15.52 -16.39 -10.95
N PHE A 410 15.32 -16.17 -9.65
CA PHE A 410 15.59 -14.87 -9.05
C PHE A 410 17.08 -14.54 -9.12
N ASP A 411 17.91 -15.54 -8.84
CA ASP A 411 19.35 -15.37 -8.86
C ASP A 411 19.85 -15.10 -10.28
N ILE A 412 19.20 -15.74 -11.25
CA ILE A 412 19.51 -15.50 -12.66
C ILE A 412 19.18 -14.06 -13.02
N TYR A 413 18.08 -13.54 -12.48
CA TYR A 413 17.66 -12.17 -12.74
C TYR A 413 18.65 -11.16 -12.17
N ILE A 414 19.06 -11.37 -10.93
CA ILE A 414 19.99 -10.46 -10.25
C ILE A 414 21.37 -10.48 -10.91
N LYS A 415 21.85 -11.67 -11.23
CA LYS A 415 23.20 -11.84 -11.76
C LYS A 415 23.36 -11.32 -13.19
N LYS A 416 22.31 -11.47 -13.99
CA LYS A 416 22.39 -11.11 -15.40
C LYS A 416 22.15 -9.62 -15.63
N ASN A 417 21.23 -9.04 -14.87
CA ASN A 417 20.91 -7.62 -15.00
C ASN A 417 21.69 -6.75 -14.02
N ALA A 422 16.51 -2.43 -16.41
CA ALA A 422 15.86 -3.61 -16.94
C ALA A 422 14.36 -3.37 -17.15
N THR A 423 13.69 -4.35 -17.76
CA THR A 423 12.25 -4.27 -17.98
C THR A 423 11.56 -5.49 -17.39
N CYS A 424 10.23 -5.50 -17.49
CA CYS A 424 9.45 -6.63 -16.97
C CYS A 424 9.76 -7.91 -17.75
N GLU A 425 10.05 -7.76 -19.04
CA GLU A 425 10.40 -8.91 -19.88
C GLU A 425 11.68 -9.58 -19.40
N ASP A 426 12.61 -8.78 -18.88
CA ASP A 426 13.88 -9.30 -18.37
C ASP A 426 13.65 -10.24 -17.19
N PHE A 427 12.69 -9.89 -16.33
CA PHE A 427 12.38 -10.71 -15.17
C PHE A 427 11.64 -11.98 -15.60
N ASN A 428 10.71 -11.83 -16.53
CA ASN A 428 9.97 -12.98 -17.05
C ASN A 428 10.89 -13.96 -17.75
N TYR A 429 11.91 -13.42 -18.42
CA TYR A 429 12.91 -14.24 -19.09
C TYR A 429 13.66 -15.11 -18.09
N ALA A 430 14.13 -14.49 -17.01
CA ALA A 430 14.87 -15.21 -15.97
C ALA A 430 14.02 -16.30 -15.34
N MET A 431 12.75 -16.00 -15.11
CA MET A 431 11.82 -16.97 -14.55
C MET A 431 11.52 -18.09 -15.55
N GLU A 432 11.53 -17.73 -16.84
CA GLU A 432 11.32 -18.72 -17.89
C GLU A 432 12.47 -19.72 -17.93
N GLN A 433 13.67 -19.24 -17.60
CA GLN A 433 14.84 -20.10 -17.56
C GLN A 433 14.71 -21.14 -16.45
N ALA A 434 14.21 -20.70 -15.30
CA ALA A 434 13.95 -21.61 -14.19
C ALA A 434 12.78 -22.54 -14.53
N TYR A 435 11.85 -22.02 -15.32
CA TYR A 435 10.69 -22.78 -15.76
C TYR A 435 11.12 -23.93 -16.67
N LYS A 436 12.07 -23.66 -17.54
CA LYS A 436 12.62 -24.68 -18.42
C LYS A 436 13.34 -25.77 -17.63
N MET A 437 14.09 -25.36 -16.62
CA MET A 437 14.83 -26.28 -15.76
C MET A 437 13.87 -27.17 -14.98
N LYS A 438 12.83 -26.57 -14.43
CA LYS A 438 11.84 -27.30 -13.64
C LYS A 438 11.06 -28.30 -14.49
N LYS A 439 10.63 -27.86 -15.67
CA LYS A 439 9.87 -28.71 -16.57
C LYS A 439 10.77 -29.67 -17.33
N ALA A 440 12.09 -29.51 -17.16
CA ALA A 440 13.08 -30.33 -17.84
C ALA A 440 12.86 -30.33 -19.34
N ASP A 441 12.83 -29.14 -19.93
CA ASP A 441 12.51 -28.99 -21.34
C ASP A 441 12.87 -27.57 -21.76
N ASN A 442 13.48 -27.41 -22.94
CA ASN A 442 13.85 -26.10 -23.45
C ASN A 442 12.78 -25.47 -24.34
N SER A 443 11.72 -26.23 -24.60
CA SER A 443 10.63 -25.72 -25.43
C SER A 443 9.54 -25.08 -24.57
N ALA A 444 9.61 -25.32 -23.26
CA ALA A 444 8.68 -24.70 -22.33
C ALA A 444 8.97 -23.22 -22.20
N ASN A 445 7.93 -22.39 -22.26
CA ASN A 445 8.11 -20.95 -22.19
C ASN A 445 7.06 -20.27 -21.31
N LEU A 446 7.26 -18.99 -21.04
CA LEU A 446 6.32 -18.20 -20.25
C LEU A 446 5.87 -16.95 -21.01
N ASN A 447 5.76 -17.08 -22.33
CA ASN A 447 5.37 -15.95 -23.18
C ASN A 447 3.96 -15.49 -22.86
N GLN A 448 3.07 -16.43 -22.58
CA GLN A 448 1.68 -16.12 -22.23
C GLN A 448 1.61 -15.34 -20.93
N TYR A 449 2.54 -15.62 -20.02
CA TYR A 449 2.54 -14.99 -18.70
C TYR A 449 2.70 -13.48 -18.78
N LEU A 450 3.30 -12.99 -19.87
CA LEU A 450 3.50 -11.57 -20.08
C LEU A 450 2.18 -10.80 -20.10
N LEU A 451 1.09 -11.51 -20.39
CA LEU A 451 -0.23 -10.91 -20.42
C LEU A 451 -0.66 -10.39 -19.05
N TRP A 452 -0.08 -10.96 -17.99
CA TRP A 452 -0.32 -10.45 -16.64
C TRP A 452 0.17 -9.01 -16.49
N PHE A 453 1.12 -8.63 -17.32
CA PHE A 453 1.68 -7.28 -17.28
C PHE A 453 0.91 -6.29 -18.13
N SER A 454 0.31 -6.78 -19.22
CA SER A 454 -0.31 -5.89 -20.21
C SER A 454 -1.84 -5.85 -20.14
N GLN A 455 -2.44 -6.90 -19.59
CA GLN A 455 -3.90 -6.99 -19.56
C GLN A 455 -4.47 -6.49 -18.25
N SER A 456 -5.39 -5.52 -18.35
CA SER A 456 -6.06 -4.97 -17.18
C SER A 456 -7.33 -5.75 -16.86
N GLY A 457 -7.91 -5.48 -15.69
CA GLY A 457 -9.14 -6.14 -15.29
C GLY A 457 -8.89 -7.40 -14.49
N THR A 458 -9.87 -7.78 -13.68
CA THR A 458 -9.76 -8.98 -12.85
C THR A 458 -10.42 -10.18 -13.54
N PRO A 459 -9.65 -11.26 -13.74
CA PRO A 459 -10.18 -12.49 -14.36
C PRO A 459 -11.22 -13.17 -13.48
N HIS A 460 -12.26 -13.72 -14.09
CA HIS A 460 -13.26 -14.50 -13.38
C HIS A 460 -13.01 -15.98 -13.60
N VAL A 461 -12.81 -16.73 -12.52
CA VAL A 461 -12.59 -18.17 -12.61
C VAL A 461 -13.74 -18.94 -11.97
N SER A 462 -14.45 -19.71 -12.78
CA SER A 462 -15.59 -20.48 -12.31
C SER A 462 -15.35 -21.98 -12.48
N PHE A 463 -16.04 -22.77 -11.66
CA PHE A 463 -15.83 -24.21 -11.64
C PHE A 463 -17.12 -25.02 -11.77
N LYS A 464 -16.98 -26.23 -12.30
CA LYS A 464 -18.03 -27.24 -12.23
C LYS A 464 -17.38 -28.60 -12.04
N TYR A 465 -18.08 -29.51 -11.37
CA TYR A 465 -17.46 -30.76 -10.93
C TYR A 465 -18.23 -32.00 -11.35
N ASN A 466 -17.52 -33.12 -11.41
CA ASN A 466 -18.14 -34.41 -11.68
C ASN A 466 -17.38 -35.52 -10.96
N TYR A 467 -18.13 -36.35 -10.27
CA TYR A 467 -17.57 -37.52 -9.59
C TYR A 467 -18.33 -38.81 -9.90
N ASP A 468 -17.60 -39.82 -10.28
CA ASP A 468 -18.15 -41.15 -10.55
C ASP A 468 -17.69 -42.15 -9.46
N ALA A 469 -18.61 -42.65 -8.63
CA ALA A 469 -18.25 -43.56 -7.54
C ALA A 469 -17.63 -44.85 -8.05
N GLU A 470 -18.08 -45.31 -9.21
CA GLU A 470 -17.64 -46.60 -9.75
C GLU A 470 -16.17 -46.58 -10.17
N LYS A 471 -15.77 -45.56 -10.94
CA LYS A 471 -14.40 -45.49 -11.43
C LYS A 471 -13.48 -44.70 -10.49
N LYS A 472 -14.05 -44.22 -9.38
CA LYS A 472 -13.31 -43.43 -8.41
C LYS A 472 -12.62 -42.25 -9.08
N GLN A 473 -13.35 -41.58 -9.97
CA GLN A 473 -12.78 -40.54 -10.81
C GLN A 473 -13.41 -39.18 -10.53
N TYR A 474 -12.56 -38.19 -10.29
CA TYR A 474 -13.02 -36.83 -10.00
C TYR A 474 -12.55 -35.85 -11.07
N SER A 475 -13.46 -35.01 -11.54
CA SER A 475 -13.15 -34.05 -12.59
C SER A 475 -13.44 -32.61 -12.15
N ILE A 476 -12.49 -31.72 -12.40
CA ILE A 476 -12.67 -30.30 -12.13
C ILE A 476 -12.64 -29.51 -13.43
N HIS A 477 -13.81 -29.04 -13.85
CA HIS A 477 -13.91 -28.22 -15.05
CA HIS A 477 -13.90 -28.22 -15.06
C HIS A 477 -13.73 -26.75 -14.70
N VAL A 478 -12.68 -26.14 -15.27
CA VAL A 478 -12.35 -24.76 -14.96
C VAL A 478 -12.59 -23.84 -16.16
N ASN A 479 -13.08 -22.64 -15.90
CA ASN A 479 -13.27 -21.64 -16.93
C ASN A 479 -12.77 -20.28 -16.47
N GLN A 480 -12.07 -19.56 -17.35
CA GLN A 480 -11.59 -18.23 -17.02
C GLN A 480 -12.15 -17.19 -17.98
N TYR A 481 -12.38 -15.98 -17.47
CA TYR A 481 -13.01 -14.92 -18.25
C TYR A 481 -12.68 -13.55 -17.68
N THR A 482 -12.33 -12.62 -18.56
CA THR A 482 -12.10 -11.23 -18.16
C THR A 482 -12.98 -10.30 -18.98
N LYS A 483 -13.73 -9.44 -18.29
CA LYS A 483 -14.59 -8.48 -18.96
C LYS A 483 -13.77 -7.47 -19.77
N PRO A 484 -14.17 -7.22 -21.01
CA PRO A 484 -13.52 -6.18 -21.81
C PRO A 484 -13.67 -4.81 -21.17
N ASP A 485 -12.67 -3.96 -21.32
CA ASP A 485 -12.73 -2.60 -20.80
C ASP A 485 -12.20 -1.61 -21.83
N GLU A 486 -11.83 -0.42 -21.36
CA GLU A 486 -11.35 0.63 -22.26
C GLU A 486 -9.88 0.42 -22.62
N ASN A 487 -9.27 -0.63 -22.09
CA ASN A 487 -7.87 -0.94 -22.38
C ASN A 487 -7.72 -2.01 -23.44
N GLN A 488 -8.52 -3.06 -23.34
CA GLN A 488 -8.52 -4.12 -24.35
C GLN A 488 -9.94 -4.44 -24.80
N LYS A 489 -10.15 -4.45 -26.11
CA LYS A 489 -11.44 -4.82 -26.68
C LYS A 489 -11.67 -6.32 -26.47
N GLU A 490 -10.63 -7.11 -26.71
CA GLU A 490 -10.69 -8.55 -26.51
C GLU A 490 -9.68 -8.99 -25.45
N LYS A 491 -10.16 -9.76 -24.48
CA LYS A 491 -9.29 -10.27 -23.42
C LYS A 491 -8.81 -11.68 -23.76
N LYS A 492 -7.53 -11.94 -23.51
CA LYS A 492 -6.95 -13.25 -23.79
C LYS A 492 -6.81 -14.07 -22.52
N PRO A 493 -6.87 -15.41 -22.64
CA PRO A 493 -6.67 -16.30 -21.49
C PRO A 493 -5.29 -16.13 -20.85
N LEU A 494 -5.23 -16.20 -19.54
CA LEU A 494 -3.97 -15.98 -18.82
C LEU A 494 -3.41 -17.28 -18.27
N PHE A 495 -2.12 -17.25 -17.91
CA PHE A 495 -1.49 -18.35 -17.21
C PHE A 495 -1.93 -18.29 -15.75
N ILE A 496 -2.94 -19.08 -15.39
CA ILE A 496 -3.48 -19.05 -14.03
C ILE A 496 -3.11 -20.31 -13.26
N PRO A 497 -2.25 -20.16 -12.24
CA PRO A 497 -1.88 -21.25 -11.34
C PRO A 497 -2.93 -21.47 -10.24
N ILE A 498 -3.51 -22.66 -10.18
CA ILE A 498 -4.55 -22.94 -9.21
C ILE A 498 -4.09 -24.02 -8.21
N SER A 499 -3.59 -23.58 -7.06
CA SER A 499 -3.23 -24.49 -5.99
C SER A 499 -4.48 -25.15 -5.42
N VAL A 500 -4.58 -26.47 -5.56
CA VAL A 500 -5.77 -27.17 -5.14
C VAL A 500 -5.50 -28.29 -4.15
N GLY A 501 -6.52 -28.60 -3.36
CA GLY A 501 -6.51 -29.76 -2.50
C GLY A 501 -7.87 -30.43 -2.59
N LEU A 502 -7.94 -31.70 -2.21
CA LEU A 502 -9.21 -32.41 -2.21
C LEU A 502 -9.51 -32.91 -0.81
N ILE A 503 -10.59 -32.42 -0.21
CA ILE A 503 -10.93 -32.76 1.16
C ILE A 503 -11.97 -33.87 1.23
N ASN A 504 -11.63 -34.94 1.94
CA ASN A 504 -12.58 -36.01 2.24
C ASN A 504 -13.59 -35.48 3.25
N PRO A 505 -14.86 -35.34 2.82
CA PRO A 505 -15.90 -34.74 3.67
C PRO A 505 -16.30 -35.61 4.86
N GLU A 506 -15.82 -36.85 4.89
CA GLU A 506 -16.17 -37.78 5.96
C GLU A 506 -15.25 -37.65 7.16
N ASN A 507 -13.99 -37.30 6.93
CA ASN A 507 -13.01 -37.19 8.01
C ASN A 507 -12.14 -35.95 7.93
N GLY A 508 -12.35 -35.13 6.90
CA GLY A 508 -11.63 -33.87 6.75
C GLY A 508 -10.16 -34.04 6.39
N LYS A 509 -9.81 -35.18 5.80
CA LYS A 509 -8.43 -35.45 5.44
C LYS A 509 -8.09 -34.99 4.02
N GLU A 510 -6.80 -34.82 3.77
CA GLU A 510 -6.30 -34.53 2.43
C GLU A 510 -6.37 -35.81 1.58
N MET A 511 -6.86 -35.70 0.35
CA MET A 511 -7.00 -36.87 -0.50
C MET A 511 -5.89 -36.96 -1.54
N ILE A 512 -5.29 -35.82 -1.88
CA ILE A 512 -4.17 -35.80 -2.79
C ILE A 512 -3.04 -34.93 -2.25
N SER A 513 -1.83 -35.11 -2.80
CA SER A 513 -0.69 -34.31 -2.41
C SER A 513 -0.82 -32.90 -2.94
N GLN A 514 0.19 -32.06 -2.66
CA GLN A 514 0.21 -30.68 -3.13
C GLN A 514 0.10 -30.63 -4.66
N THR A 515 -0.85 -29.85 -5.16
CA THR A 515 -1.10 -29.79 -6.59
C THR A 515 -1.43 -28.37 -7.05
N THR A 516 -0.72 -27.91 -8.08
CA THR A 516 -1.00 -26.62 -8.69
C THR A 516 -1.44 -26.80 -10.13
N LEU A 517 -2.74 -26.61 -10.37
CA LEU A 517 -3.29 -26.72 -11.72
C LEU A 517 -2.82 -25.54 -12.58
N GLU A 518 -2.29 -25.85 -13.76
CA GLU A 518 -1.83 -24.80 -14.66
C GLU A 518 -2.85 -24.55 -15.78
N LEU A 519 -3.75 -23.61 -15.53
CA LEU A 519 -4.76 -23.23 -16.50
C LEU A 519 -4.19 -22.23 -17.50
N THR A 520 -4.06 -22.64 -18.76
CA THR A 520 -3.47 -21.80 -19.79
C THR A 520 -4.45 -21.48 -20.90
N LYS A 521 -5.57 -22.19 -20.92
CA LYS A 521 -6.61 -21.97 -21.93
C LYS A 521 -7.82 -21.27 -21.33
N GLU A 522 -8.78 -20.94 -22.18
CA GLU A 522 -10.03 -20.33 -21.75
C GLU A 522 -10.75 -21.25 -20.77
N SER A 523 -10.72 -22.55 -21.07
CA SER A 523 -11.31 -23.55 -20.20
C SER A 523 -10.52 -24.85 -20.26
N ASP A 524 -10.57 -25.63 -19.19
CA ASP A 524 -9.88 -26.91 -19.15
C ASP A 524 -10.53 -27.85 -18.14
N THR A 525 -10.34 -29.15 -18.35
CA THR A 525 -10.89 -30.16 -17.44
C THR A 525 -9.76 -30.96 -16.81
N PHE A 526 -9.66 -30.87 -15.48
CA PHE A 526 -8.64 -31.61 -14.74
C PHE A 526 -9.23 -32.84 -14.08
N VAL A 527 -8.70 -34.01 -14.43
CA VAL A 527 -9.26 -35.27 -13.96
C VAL A 527 -8.32 -35.95 -12.97
N PHE A 528 -8.90 -36.51 -11.91
CA PHE A 528 -8.13 -37.19 -10.89
C PHE A 528 -8.61 -38.62 -10.69
N ASN A 529 -7.71 -39.59 -10.83
CA ASN A 529 -8.04 -40.99 -10.63
C ASN A 529 -7.82 -41.44 -9.19
N ASN A 530 -8.37 -42.60 -8.85
CA ASN A 530 -8.25 -43.18 -7.51
C ASN A 530 -8.70 -42.23 -6.42
N ILE A 531 -9.87 -41.64 -6.61
CA ILE A 531 -10.50 -40.80 -5.58
C ILE A 531 -11.61 -41.61 -4.92
N ALA A 532 -11.32 -42.18 -3.75
CA ALA A 532 -12.16 -43.17 -3.12
C ALA A 532 -13.58 -42.68 -2.81
N VAL A 533 -13.71 -41.40 -2.48
CA VAL A 533 -15.00 -40.83 -2.14
C VAL A 533 -15.13 -39.45 -2.77
N LYS A 534 -16.37 -39.00 -2.99
CA LYS A 534 -16.61 -37.68 -3.55
C LYS A 534 -16.01 -36.59 -2.64
N PRO A 535 -15.02 -35.86 -3.16
CA PRO A 535 -14.31 -34.87 -2.36
C PRO A 535 -14.98 -33.49 -2.39
N ILE A 536 -14.56 -32.63 -1.47
CA ILE A 536 -14.87 -31.22 -1.56
C ILE A 536 -13.61 -30.47 -1.94
N PRO A 537 -13.64 -29.78 -3.09
CA PRO A 537 -12.44 -29.14 -3.64
C PRO A 537 -11.98 -27.92 -2.85
N SER A 538 -10.68 -27.88 -2.55
CA SER A 538 -10.07 -26.73 -1.90
C SER A 538 -9.32 -25.92 -2.96
N LEU A 539 -9.97 -24.89 -3.48
CA LEU A 539 -9.47 -24.19 -4.68
C LEU A 539 -8.72 -22.89 -4.36
N PHE A 540 -7.67 -22.65 -5.13
CA PHE A 540 -6.84 -21.45 -4.99
C PHE A 540 -6.30 -21.28 -3.57
N ARG A 541 -5.66 -22.33 -3.06
CA ARG A 541 -5.09 -22.30 -1.72
C ARG A 541 -4.04 -21.20 -1.60
N GLY A 542 -4.15 -20.40 -0.53
CA GLY A 542 -3.27 -19.28 -0.31
C GLY A 542 -3.54 -18.16 -1.28
N PHE A 543 -4.70 -18.21 -1.93
CA PHE A 543 -5.08 -17.26 -2.99
C PHE A 543 -3.98 -17.22 -4.05
N SER A 544 -3.88 -18.31 -4.81
CA SER A 544 -2.76 -18.53 -5.71
C SER A 544 -2.85 -17.74 -7.01
N ALA A 545 -3.92 -16.97 -7.17
CA ALA A 545 -4.09 -16.12 -8.35
C ALA A 545 -5.02 -14.95 -8.04
N PRO A 546 -4.65 -13.75 -8.51
CA PRO A 546 -5.46 -12.55 -8.28
C PRO A 546 -6.72 -12.53 -9.15
N VAL A 547 -7.71 -13.33 -8.78
CA VAL A 547 -8.91 -13.49 -9.60
C VAL A 547 -10.18 -13.49 -8.77
N TYR A 548 -11.32 -13.31 -9.43
CA TYR A 548 -12.62 -13.56 -8.81
C TYR A 548 -12.86 -15.07 -8.79
N ILE A 549 -13.01 -15.64 -7.60
CA ILE A 549 -13.22 -17.07 -7.48
C ILE A 549 -14.71 -17.40 -7.35
N GLU A 550 -15.19 -18.24 -8.26
CA GLU A 550 -16.57 -18.70 -8.23
C GLU A 550 -16.60 -20.22 -8.08
N ASP A 551 -16.55 -20.68 -6.84
CA ASP A 551 -16.37 -22.10 -6.54
C ASP A 551 -17.58 -22.96 -6.88
N GLN A 552 -18.74 -22.33 -7.00
CA GLN A 552 -19.99 -23.03 -7.29
C GLN A 552 -20.27 -24.15 -6.30
N LEU A 553 -19.84 -23.95 -5.06
CA LEU A 553 -20.08 -24.92 -4.00
C LEU A 553 -21.35 -24.57 -3.25
N THR A 554 -21.96 -25.57 -2.60
CA THR A 554 -23.10 -25.32 -1.75
C THR A 554 -22.60 -24.76 -0.41
N ASP A 555 -23.51 -24.17 0.36
CA ASP A 555 -23.13 -23.63 1.66
C ASP A 555 -22.70 -24.76 2.60
N GLU A 556 -23.30 -25.93 2.43
CA GLU A 556 -22.94 -27.10 3.22
C GLU A 556 -21.49 -27.51 2.98
N GLU A 557 -21.08 -27.49 1.72
CA GLU A 557 -19.71 -27.81 1.35
C GLU A 557 -18.74 -26.75 1.87
N ARG A 558 -19.14 -25.49 1.75
CA ARG A 558 -18.33 -24.37 2.20
C ARG A 558 -18.12 -24.41 3.72
N ILE A 559 -19.17 -24.75 4.44
CA ILE A 559 -19.10 -24.88 5.90
C ILE A 559 -18.11 -25.97 6.29
N LEU A 560 -18.12 -27.07 5.55
CA LEU A 560 -17.22 -28.19 5.82
C LEU A 560 -15.77 -27.78 5.59
N LEU A 561 -15.53 -26.99 4.55
CA LEU A 561 -14.20 -26.44 4.29
C LEU A 561 -13.80 -25.50 5.41
N LEU A 562 -14.72 -24.62 5.79
CA LEU A 562 -14.49 -23.66 6.86
C LEU A 562 -14.03 -24.33 8.16
N LYS A 563 -14.56 -25.52 8.39
CA LYS A 563 -14.27 -26.25 9.63
C LYS A 563 -13.05 -27.14 9.54
N TYR A 564 -12.84 -27.79 8.39
CA TYR A 564 -11.88 -28.88 8.32
C TYR A 564 -10.78 -28.75 7.26
N ASP A 565 -10.87 -27.76 6.38
CA ASP A 565 -9.82 -27.57 5.37
C ASP A 565 -8.53 -27.12 6.05
N SER A 566 -7.40 -27.42 5.42
CA SER A 566 -6.10 -27.10 6.00
C SER A 566 -5.61 -25.72 5.62
N ASP A 567 -6.11 -25.19 4.51
CA ASP A 567 -5.64 -23.91 4.00
C ASP A 567 -6.44 -22.74 4.59
N ALA A 568 -5.71 -21.80 5.17
CA ALA A 568 -6.32 -20.66 5.85
C ALA A 568 -7.21 -19.82 4.92
N PHE A 569 -6.73 -19.54 3.72
CA PHE A 569 -7.50 -18.71 2.79
C PHE A 569 -8.80 -19.35 2.35
N VAL A 570 -8.75 -20.62 1.97
CA VAL A 570 -9.93 -21.30 1.46
C VAL A 570 -11.01 -21.38 2.53
N ARG A 571 -10.59 -21.59 3.78
CA ARG A 571 -11.50 -21.51 4.91
C ARG A 571 -12.09 -20.10 4.99
N TYR A 572 -11.19 -19.12 4.95
CA TYR A 572 -11.56 -17.71 4.97
C TYR A 572 -12.45 -17.33 3.80
N ASN A 573 -12.10 -17.81 2.61
CA ASN A 573 -12.87 -17.50 1.41
C ASN A 573 -14.22 -18.20 1.39
N SER A 574 -14.27 -19.42 1.94
CA SER A 574 -15.52 -20.16 2.02
C SER A 574 -16.51 -19.42 2.91
N CYS A 575 -16.02 -18.91 4.03
CA CYS A 575 -16.83 -18.09 4.93
C CYS A 575 -17.27 -16.82 4.22
N THR A 576 -16.36 -16.22 3.46
CA THR A 576 -16.66 -15.03 2.69
C THR A 576 -17.77 -15.29 1.67
N ASN A 577 -17.67 -16.41 0.97
CA ASN A 577 -18.66 -16.76 -0.05
C ASN A 577 -20.04 -17.04 0.54
N ILE A 578 -20.06 -17.64 1.73
CA ILE A 578 -21.32 -17.87 2.43
C ILE A 578 -21.97 -16.53 2.78
N TYR A 579 -21.14 -15.60 3.26
CA TYR A 579 -21.60 -14.26 3.59
C TYR A 579 -22.17 -13.53 2.37
N MET A 580 -21.42 -13.55 1.26
CA MET A 580 -21.82 -12.86 0.05
C MET A 580 -23.17 -13.35 -0.49
N LYS A 581 -23.35 -14.66 -0.47
CA LYS A 581 -24.60 -15.27 -0.91
C LYS A 581 -25.77 -14.76 -0.07
N GLN A 582 -25.55 -14.70 1.25
CA GLN A 582 -26.54 -14.18 2.17
C GLN A 582 -26.78 -12.69 1.95
N ILE A 583 -25.69 -11.95 1.76
CA ILE A 583 -25.78 -10.50 1.55
C ILE A 583 -26.54 -10.16 0.28
N LEU A 584 -26.19 -10.82 -0.83
CA LEU A 584 -26.86 -10.60 -2.11
C LEU A 584 -28.34 -10.91 -2.03
N MET A 585 -28.68 -11.97 -1.30
CA MET A 585 -30.07 -12.39 -1.15
CA MET A 585 -30.07 -12.39 -1.15
C MET A 585 -30.87 -11.38 -0.36
N ASN A 586 -30.38 -11.03 0.83
CA ASN A 586 -31.06 -10.07 1.70
C ASN A 586 -31.11 -8.67 1.10
N TYR A 587 -30.08 -8.31 0.34
CA TYR A 587 -30.04 -7.01 -0.32
C TYR A 587 -31.22 -6.85 -1.27
N ASN A 588 -31.39 -7.84 -2.14
CA ASN A 588 -32.46 -7.81 -3.12
CA ASN A 588 -32.46 -7.81 -3.13
C ASN A 588 -33.84 -7.82 -2.48
N GLU A 589 -33.95 -8.51 -1.34
CA GLU A 589 -35.21 -8.57 -0.60
C GLU A 589 -35.53 -7.21 0.00
N PHE A 590 -34.53 -6.57 0.59
CA PHE A 590 -34.67 -5.22 1.12
C PHE A 590 -34.96 -4.22 0.00
N LEU A 591 -34.24 -4.37 -1.12
CA LEU A 591 -34.40 -3.48 -2.26
C LEU A 591 -35.80 -3.60 -2.87
N LYS A 592 -36.26 -4.84 -3.03
CA LYS A 592 -37.56 -5.11 -3.63
C LYS A 592 -38.69 -4.50 -2.79
N ALA A 593 -38.54 -4.59 -1.47
CA ALA A 593 -39.52 -4.02 -0.55
C ALA A 593 -39.54 -2.49 -0.66
N LYS A 594 -38.36 -1.91 -0.85
CA LYS A 594 -38.20 -0.47 -0.98
C LYS A 594 -38.81 0.05 -2.28
N ASN A 595 -38.49 -0.63 -3.39
CA ASN A 595 -38.97 -0.22 -4.69
C ASN A 595 -40.48 -0.36 -4.84
N GLU A 596 -41.05 -1.35 -4.17
CA GLU A 596 -42.47 -1.63 -4.28
C GLU A 596 -43.28 -1.02 -3.13
N LYS A 597 -42.57 -0.38 -2.20
CA LYS A 597 -43.19 0.26 -1.03
C LYS A 597 -44.11 -0.70 -0.27
N LEU A 598 -43.63 -1.91 -0.03
CA LEU A 598 -44.43 -2.93 0.65
C LEU A 598 -44.63 -2.58 2.13
N GLU A 599 -45.82 -2.85 2.64
CA GLU A 599 -46.11 -2.63 4.05
C GLU A 599 -45.52 -3.77 4.88
N SER A 600 -45.41 -4.93 4.26
CA SER A 600 -44.83 -6.10 4.91
C SER A 600 -44.10 -6.98 3.90
N PHE A 601 -43.07 -7.68 4.38
CA PHE A 601 -42.28 -8.56 3.52
C PHE A 601 -41.46 -9.52 4.35
N GLN A 602 -40.75 -10.41 3.67
CA GLN A 602 -39.94 -11.42 4.37
C GLN A 602 -38.45 -11.34 4.01
N LEU A 603 -37.62 -11.71 4.97
CA LEU A 603 -36.18 -11.79 4.76
C LEU A 603 -35.70 -13.21 5.00
N THR A 604 -34.83 -13.71 4.13
CA THR A 604 -34.29 -15.05 4.30
C THR A 604 -33.22 -15.05 5.39
N PRO A 605 -33.45 -15.82 6.46
CA PRO A 605 -32.54 -15.88 7.61
C PRO A 605 -31.16 -16.43 7.25
N VAL A 606 -30.19 -16.17 8.12
CA VAL A 606 -28.83 -16.69 7.95
C VAL A 606 -28.83 -18.19 8.19
N ASN A 607 -28.07 -18.92 7.36
CA ASN A 607 -27.95 -20.36 7.48
C ASN A 607 -27.59 -20.79 8.90
N ALA A 608 -28.46 -21.60 9.50
CA ALA A 608 -28.31 -22.01 10.89
C ALA A 608 -27.05 -22.86 11.11
N GLN A 609 -26.70 -23.67 10.11
CA GLN A 609 -25.53 -24.52 10.21
C GLN A 609 -24.25 -23.69 10.07
N PHE A 610 -24.35 -22.58 9.35
CA PHE A 610 -23.23 -21.64 9.23
C PHE A 610 -22.93 -20.98 10.56
N ILE A 611 -23.98 -20.56 11.25
CA ILE A 611 -23.86 -19.96 12.58
C ILE A 611 -23.29 -20.97 13.57
N ASP A 612 -23.71 -22.22 13.43
CA ASP A 612 -23.20 -23.30 14.27
C ASP A 612 -21.70 -23.52 14.06
N ALA A 613 -21.26 -23.35 12.81
CA ALA A 613 -19.86 -23.52 12.46
C ALA A 613 -19.01 -22.41 13.06
N ILE A 614 -19.55 -21.20 13.09
CA ILE A 614 -18.86 -20.07 13.69
C ILE A 614 -18.69 -20.30 15.19
N LYS A 615 -19.75 -20.76 15.83
CA LYS A 615 -19.71 -21.10 17.25
C LYS A 615 -18.67 -22.19 17.53
N TYR A 616 -18.60 -23.15 16.62
CA TYR A 616 -17.65 -24.25 16.72
C TYR A 616 -16.20 -23.77 16.73
N LEU A 617 -15.86 -22.93 15.75
CA LEU A 617 -14.51 -22.41 15.62
C LEU A 617 -14.14 -21.48 16.77
N LEU A 618 -15.09 -20.63 17.16
CA LEU A 618 -14.87 -19.67 18.23
C LEU A 618 -14.59 -20.36 19.57
N GLU A 619 -15.30 -21.45 19.83
CA GLU A 619 -15.15 -22.18 21.09
C GLU A 619 -13.98 -23.16 21.04
N ASP A 620 -13.31 -23.22 19.90
CA ASP A 620 -12.14 -24.09 19.75
C ASP A 620 -10.88 -23.38 20.25
N PRO A 621 -10.33 -23.84 21.37
CA PRO A 621 -9.18 -23.20 22.03
C PRO A 621 -7.91 -23.28 21.19
N HIS A 622 -7.81 -24.27 20.32
CA HIS A 622 -6.61 -24.47 19.52
C HIS A 622 -6.69 -23.72 18.19
N ALA A 623 -7.76 -22.96 18.01
CA ALA A 623 -7.92 -22.17 16.78
C ALA A 623 -7.31 -20.78 16.94
N ASP A 624 -6.88 -20.20 15.82
CA ASP A 624 -6.19 -18.92 15.85
C ASP A 624 -7.15 -17.76 16.14
N ALA A 625 -6.71 -16.85 17.01
CA ALA A 625 -7.54 -15.73 17.44
C ALA A 625 -7.82 -14.74 16.31
N GLY A 626 -6.79 -14.45 15.51
CA GLY A 626 -6.94 -13.53 14.40
C GLY A 626 -7.91 -14.04 13.36
N PHE A 627 -7.82 -15.33 13.07
CA PHE A 627 -8.72 -15.98 12.12
C PHE A 627 -10.17 -15.87 12.58
N LYS A 628 -10.37 -16.00 13.89
CA LYS A 628 -11.70 -15.89 14.49
C LYS A 628 -12.30 -14.51 14.28
N SER A 629 -11.46 -13.48 14.34
CA SER A 629 -11.92 -12.11 14.15
C SER A 629 -12.42 -11.88 12.73
N TYR A 630 -11.86 -12.63 11.78
CA TYR A 630 -12.26 -12.53 10.39
C TYR A 630 -13.63 -13.16 10.11
N ILE A 631 -13.87 -14.32 10.71
CA ILE A 631 -15.08 -15.08 10.42
C ILE A 631 -16.33 -14.46 11.04
N VAL A 632 -16.15 -13.62 12.05
CA VAL A 632 -17.28 -12.96 12.70
C VAL A 632 -17.54 -11.61 12.05
N SER A 633 -16.72 -11.25 11.07
CA SER A 633 -16.86 -9.99 10.36
C SER A 633 -17.34 -10.20 8.93
N LEU A 634 -18.34 -9.42 8.53
CA LEU A 634 -18.83 -9.45 7.16
C LEU A 634 -17.75 -8.91 6.22
N PRO A 635 -17.80 -9.31 4.93
CA PRO A 635 -16.84 -8.80 3.95
C PRO A 635 -16.88 -7.28 3.84
N GLN A 636 -15.74 -6.67 3.52
CA GLN A 636 -15.63 -5.22 3.35
C GLN A 636 -16.67 -4.69 2.37
N ASP A 637 -17.14 -3.46 2.61
CA ASP A 637 -18.13 -2.85 1.75
C ASP A 637 -17.62 -2.69 0.32
N ARG A 638 -16.33 -2.37 0.20
CA ARG A 638 -15.71 -2.15 -1.10
C ARG A 638 -15.43 -3.47 -1.83
N TYR A 639 -15.57 -4.58 -1.11
CA TYR A 639 -15.51 -5.89 -1.73
C TYR A 639 -16.90 -6.29 -2.23
N ILE A 640 -17.90 -5.96 -1.42
CA ILE A 640 -19.29 -6.27 -1.73
C ILE A 640 -19.77 -5.55 -2.99
N ILE A 641 -19.35 -4.29 -3.15
CA ILE A 641 -19.84 -3.45 -4.23
C ILE A 641 -19.46 -3.97 -5.62
N ASN A 642 -18.46 -4.84 -5.68
CA ASN A 642 -18.05 -5.45 -6.94
C ASN A 642 -19.09 -6.44 -7.46
N PHE A 643 -19.99 -6.86 -6.59
CA PHE A 643 -20.98 -7.87 -6.94
C PHE A 643 -22.40 -7.32 -7.00
N VAL A 644 -22.53 -6.00 -6.84
CA VAL A 644 -23.85 -5.37 -6.87
C VAL A 644 -23.89 -4.20 -7.86
N SER A 645 -24.89 -4.21 -8.73
CA SER A 645 -25.10 -3.11 -9.66
C SER A 645 -26.02 -2.07 -9.05
N ASN A 646 -25.71 -0.79 -9.26
CA ASN A 646 -26.48 0.32 -8.73
C ASN A 646 -26.69 0.20 -7.23
N LEU A 647 -25.59 0.05 -6.50
CA LEU A 647 -25.64 -0.20 -5.06
C LEU A 647 -26.29 0.92 -4.27
N ASP A 648 -27.42 0.61 -3.65
CA ASP A 648 -28.06 1.52 -2.70
C ASP A 648 -27.39 1.31 -1.36
N THR A 649 -26.63 2.31 -0.92
CA THR A 649 -25.83 2.19 0.30
C THR A 649 -26.69 2.00 1.55
N ASP A 650 -27.89 2.57 1.54
CA ASP A 650 -28.81 2.42 2.67
C ASP A 650 -29.34 0.99 2.76
N VAL A 651 -29.63 0.40 1.61
CA VAL A 651 -30.11 -0.98 1.56
C VAL A 651 -29.02 -1.95 2.01
N LEU A 652 -27.79 -1.70 1.57
CA LEU A 652 -26.65 -2.50 1.99
C LEU A 652 -26.44 -2.37 3.49
N ALA A 653 -26.59 -1.16 4.01
CA ALA A 653 -26.45 -0.89 5.43
C ALA A 653 -27.51 -1.66 6.21
N ASP A 654 -28.73 -1.69 5.68
CA ASP A 654 -29.80 -2.47 6.29
C ASP A 654 -29.50 -3.96 6.21
N THR A 655 -28.95 -4.39 5.09
CA THR A 655 -28.61 -5.79 4.86
C THR A 655 -27.56 -6.25 5.87
N LYS A 656 -26.49 -5.46 6.02
CA LYS A 656 -25.44 -5.76 6.97
C LYS A 656 -25.98 -5.83 8.39
N GLU A 657 -26.83 -4.86 8.73
CA GLU A 657 -27.42 -4.77 10.06
C GLU A 657 -28.25 -6.01 10.40
N TYR A 658 -29.04 -6.46 9.45
CA TYR A 658 -29.90 -7.63 9.64
C TYR A 658 -29.08 -8.90 9.86
N ILE A 659 -28.04 -9.07 9.03
CA ILE A 659 -27.20 -10.26 9.09
C ILE A 659 -26.40 -10.32 10.39
N TYR A 660 -25.85 -9.18 10.80
CA TYR A 660 -25.13 -9.10 12.08
C TYR A 660 -26.08 -9.39 13.24
N LYS A 661 -27.31 -8.90 13.14
CA LYS A 661 -28.31 -9.11 14.19
C LYS A 661 -28.71 -10.58 14.27
N GLN A 662 -28.87 -11.20 13.10
CA GLN A 662 -29.20 -12.62 13.01
C GLN A 662 -28.17 -13.49 13.72
N ILE A 663 -26.91 -13.25 13.42
CA ILE A 663 -25.81 -14.01 14.02
C ILE A 663 -25.65 -13.65 15.49
N GLY A 664 -25.82 -12.37 15.80
CA GLY A 664 -25.71 -11.88 17.17
C GLY A 664 -26.76 -12.48 18.09
N ASP A 665 -27.99 -12.60 17.58
CA ASP A 665 -29.08 -13.16 18.36
C ASP A 665 -28.79 -14.59 18.81
N LYS A 666 -27.87 -15.26 18.11
CA LYS A 666 -27.50 -16.62 18.43
C LYS A 666 -26.22 -16.71 19.26
N LEU A 667 -25.27 -15.83 18.98
CA LEU A 667 -23.90 -16.01 19.47
C LEU A 667 -23.38 -14.93 20.44
N ASN A 668 -24.23 -13.97 20.81
CA ASN A 668 -23.77 -12.88 21.67
C ASN A 668 -23.27 -13.36 23.04
N ASP A 669 -23.89 -14.40 23.58
CA ASP A 669 -23.45 -14.98 24.84
C ASP A 669 -22.08 -15.61 24.68
N VAL A 670 -21.84 -16.22 23.52
CA VAL A 670 -20.53 -16.81 23.21
C VAL A 670 -19.50 -15.70 23.07
N TYR A 671 -19.90 -14.60 22.42
CA TYR A 671 -19.02 -13.45 22.23
C TYR A 671 -18.58 -12.87 23.56
N TYR A 672 -19.53 -12.73 24.48
CA TYR A 672 -19.24 -12.14 25.79
C TYR A 672 -18.33 -13.03 26.62
N LYS A 673 -18.58 -14.34 26.58
CA LYS A 673 -17.78 -15.28 27.35
C LYS A 673 -16.32 -15.26 26.89
N MET A 674 -16.12 -15.17 25.57
CA MET A 674 -14.78 -15.12 25.01
C MET A 674 -14.07 -13.82 25.33
N PHE A 675 -14.81 -12.72 25.29
CA PHE A 675 -14.26 -11.41 25.60
C PHE A 675 -13.71 -11.36 27.01
N LYS A 676 -14.36 -12.07 27.93
CA LYS A 676 -13.92 -12.12 29.32
C LYS A 676 -12.74 -13.06 29.52
N SER A 677 -12.78 -14.22 28.85
CA SER A 677 -11.76 -15.25 29.02
C SER A 677 -10.46 -14.90 28.30
N LEU A 678 -10.56 -14.11 27.24
CA LEU A 678 -9.38 -13.74 26.45
C LEU A 678 -8.57 -12.62 27.11
N GLU A 679 -9.15 -11.98 28.11
CA GLU A 679 -8.56 -10.78 28.71
C GLU A 679 -7.14 -10.98 29.25
N ALA A 680 -6.95 -12.04 30.03
CA ALA A 680 -5.68 -12.29 30.70
C ALA A 680 -4.50 -12.37 29.73
N LYS A 681 -4.67 -13.15 28.66
CA LYS A 681 -3.59 -13.35 27.71
C LYS A 681 -3.45 -12.18 26.73
N ALA A 682 -4.58 -11.58 26.36
CA ALA A 682 -4.58 -10.49 25.39
C ALA A 682 -3.96 -9.21 25.97
N ASP A 683 -4.29 -8.91 27.21
CA ASP A 683 -3.86 -7.66 27.83
C ASP A 683 -2.71 -7.85 28.81
N ASP A 684 -1.96 -8.93 28.64
CA ASP A 684 -0.81 -9.22 29.50
C ASP A 684 0.23 -8.09 29.40
N LEU A 685 0.63 -7.59 30.56
CA LEU A 685 1.53 -6.43 30.62
C LEU A 685 2.97 -6.82 30.95
N THR A 686 3.27 -8.10 30.89
CA THR A 686 4.59 -8.62 31.27
C THR A 686 5.73 -7.90 30.54
N TYR A 687 5.56 -7.69 29.24
CA TYR A 687 6.60 -7.08 28.41
C TYR A 687 6.18 -5.72 27.85
N PHE A 688 5.41 -4.98 28.65
CA PHE A 688 4.83 -3.72 28.20
C PHE A 688 5.92 -2.66 28.00
N ASN A 689 6.96 -2.74 28.80
CA ASN A 689 8.05 -1.80 28.69
C ASN A 689 9.26 -2.44 28.04
N ASP A 690 9.06 -3.62 27.46
CA ASP A 690 10.05 -4.20 26.56
C ASP A 690 9.64 -3.86 25.13
N GLU A 691 10.26 -2.82 24.60
CA GLU A 691 9.85 -2.26 23.31
C GLU A 691 10.31 -3.11 22.14
N SER A 692 11.12 -4.12 22.42
CA SER A 692 11.64 -5.03 21.41
C SER A 692 10.86 -6.34 21.39
N HIS A 693 9.99 -6.52 22.37
CA HIS A 693 9.18 -7.74 22.47
C HIS A 693 7.81 -7.54 21.84
N VAL A 694 7.63 -8.12 20.66
CA VAL A 694 6.35 -7.98 19.94
C VAL A 694 5.70 -9.35 19.71
N ASP A 695 4.50 -9.52 20.24
CA ASP A 695 3.78 -10.78 20.14
C ASP A 695 2.56 -10.61 19.23
N PHE A 696 2.70 -11.07 17.99
CA PHE A 696 1.64 -10.89 17.00
C PHE A 696 0.40 -11.74 17.31
N ASP A 697 0.60 -12.86 17.98
CA ASP A 697 -0.51 -13.69 18.41
C ASP A 697 -1.32 -12.99 19.49
N GLN A 698 -0.63 -12.32 20.40
CA GLN A 698 -1.28 -11.57 21.47
C GLN A 698 -2.08 -10.40 20.94
N MET A 699 -1.51 -9.70 19.96
CA MET A 699 -2.19 -8.55 19.35
C MET A 699 -3.42 -9.01 18.58
N ASN A 700 -3.37 -10.22 18.02
CA ASN A 700 -4.53 -10.80 17.36
C ASN A 700 -5.62 -11.13 18.36
N MET A 701 -5.22 -11.50 19.57
CA MET A 701 -6.19 -11.75 20.65
C MET A 701 -6.92 -10.47 21.02
N ARG A 702 -6.20 -9.37 21.02
CA ARG A 702 -6.80 -8.06 21.30
C ARG A 702 -7.69 -7.63 20.14
N THR A 703 -7.29 -8.00 18.93
CA THR A 703 -8.09 -7.74 17.74
C THR A 703 -9.44 -8.45 17.87
N LEU A 704 -9.40 -9.68 18.35
CA LEU A 704 -10.61 -10.46 18.56
C LEU A 704 -11.49 -9.84 19.65
N ARG A 705 -10.87 -9.50 20.79
CA ARG A 705 -11.60 -8.90 21.91
C ARG A 705 -12.28 -7.60 21.50
N ASN A 706 -11.54 -6.74 20.80
CA ASN A 706 -12.06 -5.46 20.35
C ASN A 706 -13.14 -5.63 19.28
N THR A 707 -13.01 -6.68 18.47
CA THR A 707 -14.01 -7.00 17.47
C THR A 707 -15.30 -7.49 18.14
N LEU A 708 -15.14 -8.39 19.11
CA LEU A 708 -16.26 -8.92 19.86
C LEU A 708 -16.96 -7.81 20.66
N LEU A 709 -16.17 -6.93 21.26
CA LEU A 709 -16.71 -5.82 22.03
C LEU A 709 -17.53 -4.89 21.15
N SER A 710 -17.06 -4.69 19.92
CA SER A 710 -17.78 -3.86 18.95
C SER A 710 -19.12 -4.49 18.59
N LEU A 711 -19.11 -5.80 18.40
CA LEU A 711 -20.33 -6.54 18.07
C LEU A 711 -21.32 -6.50 19.24
N LEU A 712 -20.80 -6.63 20.45
CA LEU A 712 -21.63 -6.62 21.64
C LEU A 712 -22.19 -5.22 21.92
N SER A 713 -21.44 -4.20 21.56
CA SER A 713 -21.86 -2.83 21.78
C SER A 713 -22.98 -2.44 20.82
N LYS A 714 -22.84 -2.82 19.56
CA LYS A 714 -23.86 -2.55 18.54
C LYS A 714 -25.14 -3.29 18.87
N ALA A 715 -25.00 -4.47 19.48
CA ALA A 715 -26.14 -5.31 19.82
C ALA A 715 -26.80 -4.85 21.13
N GLN A 716 -26.19 -3.85 21.77
CA GLN A 716 -26.65 -3.35 23.06
C GLN A 716 -26.76 -4.47 24.08
N TYR A 717 -25.72 -5.29 24.16
CA TYR A 717 -25.67 -6.41 25.11
C TYR A 717 -25.82 -5.88 26.52
N PRO A 718 -26.58 -6.60 27.37
CA PRO A 718 -26.85 -6.20 28.75
C PRO A 718 -25.59 -5.81 29.54
N ASN A 719 -25.59 -4.57 30.04
CA ASN A 719 -24.51 -4.05 30.90
C ASN A 719 -23.14 -4.07 30.22
N ILE A 720 -23.12 -4.00 28.90
CA ILE A 720 -21.86 -4.01 28.16
C ILE A 720 -21.10 -2.70 28.36
N LEU A 721 -21.84 -1.65 28.76
CA LEU A 721 -21.24 -0.35 29.00
C LEU A 721 -20.22 -0.41 30.13
N ASN A 722 -20.45 -1.31 31.09
CA ASN A 722 -19.50 -1.54 32.17
C ASN A 722 -18.17 -2.05 31.63
N GLU A 723 -18.24 -2.97 30.68
CA GLU A 723 -17.04 -3.50 30.04
C GLU A 723 -16.32 -2.41 29.25
N ILE A 724 -17.10 -1.57 28.58
CA ILE A 724 -16.56 -0.48 27.78
C ILE A 724 -15.79 0.51 28.63
N ILE A 725 -16.35 0.86 29.78
CA ILE A 725 -15.72 1.81 30.69
C ILE A 725 -14.40 1.25 31.24
N GLU A 726 -14.42 0.00 31.67
CA GLU A 726 -13.21 -0.66 32.17
C GLU A 726 -12.17 -0.82 31.06
N HIS A 727 -12.65 -1.00 29.83
CA HIS A 727 -11.78 -1.16 28.68
C HIS A 727 -11.02 0.13 28.40
N SER A 728 -11.62 1.25 28.77
CA SER A 728 -11.01 2.56 28.57
C SER A 728 -9.84 2.80 29.52
N LYS A 729 -9.77 2.00 30.58
CA LYS A 729 -8.73 2.16 31.58
C LYS A 729 -7.52 1.28 31.26
N SER A 730 -7.59 0.55 30.16
CA SER A 730 -6.51 -0.32 29.73
C SER A 730 -5.28 0.48 29.30
N PRO A 731 -4.08 -0.04 29.57
CA PRO A 731 -2.83 0.61 29.17
C PRO A 731 -2.62 0.62 27.65
N TYR A 732 -3.23 -0.33 26.95
CA TYR A 732 -3.04 -0.44 25.51
C TYR A 732 -3.95 0.50 24.72
N PRO A 733 -3.34 1.36 23.88
CA PRO A 733 -4.05 2.31 23.01
C PRO A 733 -5.09 1.64 22.11
N SER A 734 -4.80 0.44 21.64
CA SER A 734 -5.75 -0.30 20.81
C SER A 734 -7.04 -0.54 21.58
N ASN A 735 -6.92 -0.71 22.89
CA ASN A 735 -8.08 -0.95 23.75
C ASN A 735 -8.86 0.31 24.09
N TRP A 736 -8.19 1.33 24.64
CA TRP A 736 -8.92 2.50 25.11
C TRP A 736 -9.34 3.44 23.98
N LEU A 737 -8.82 3.21 22.78
CA LEU A 737 -9.34 3.90 21.60
C LEU A 737 -10.55 3.15 21.07
N THR A 738 -10.53 1.83 21.21
CA THR A 738 -11.69 1.01 20.85
C THR A 738 -12.87 1.37 21.73
N SER A 739 -12.60 1.58 23.02
CA SER A 739 -13.63 1.94 23.97
C SER A 739 -14.33 3.24 23.56
N LEU A 740 -13.58 4.14 22.95
CA LEU A 740 -14.14 5.40 22.45
C LEU A 740 -15.15 5.14 21.32
N SER A 741 -14.72 4.37 20.33
CA SER A 741 -15.55 4.14 19.14
C SER A 741 -16.80 3.32 19.44
N VAL A 742 -16.66 2.32 20.32
CA VAL A 742 -17.80 1.46 20.64
C VAL A 742 -18.77 2.13 21.61
N SER A 743 -18.32 3.20 22.26
CA SER A 743 -19.17 3.93 23.20
C SER A 743 -20.07 4.91 22.48
N ALA A 744 -19.97 4.92 21.15
CA ALA A 744 -20.76 5.82 20.31
C ALA A 744 -22.26 5.57 20.49
N TYR A 745 -22.61 4.35 20.83
CA TYR A 745 -24.01 3.96 21.00
C TYR A 745 -24.51 4.23 22.42
N PHE A 746 -23.72 4.98 23.19
CA PHE A 746 -24.08 5.28 24.57
C PHE A 746 -23.91 6.76 24.90
N ASP A 747 -24.46 7.16 26.05
CA ASP A 747 -24.44 8.56 26.46
C ASP A 747 -23.13 8.96 27.12
N LYS A 748 -22.17 8.02 27.15
CA LYS A 748 -20.86 8.30 27.72
C LYS A 748 -19.80 8.43 26.64
N TYR A 749 -20.23 8.67 25.41
CA TYR A 749 -19.31 8.83 24.29
C TYR A 749 -18.42 10.04 24.45
N PHE A 750 -19.04 11.20 24.71
CA PHE A 750 -18.30 12.44 24.82
C PHE A 750 -17.46 12.49 26.09
N GLU A 751 -17.79 11.64 27.05
CA GLU A 751 -16.98 11.50 28.26
C GLU A 751 -15.65 10.84 27.93
N LEU A 752 -15.71 9.76 27.16
CA LEU A 752 -14.52 9.05 26.72
C LEU A 752 -13.81 9.84 25.62
N TYR A 753 -14.58 10.68 24.92
CA TYR A 753 -14.04 11.58 23.91
C TYR A 753 -12.97 12.49 24.52
N ASP A 754 -13.32 13.12 25.64
CA ASP A 754 -12.40 14.01 26.34
C ASP A 754 -11.28 13.24 27.03
N LYS A 755 -11.63 12.10 27.61
CA LYS A 755 -10.67 11.25 28.32
C LYS A 755 -9.56 10.77 27.39
N THR A 756 -9.96 10.21 26.24
CA THR A 756 -9.01 9.68 25.28
C THR A 756 -8.25 10.77 24.55
N TYR A 757 -8.86 11.95 24.45
CA TYR A 757 -8.17 13.10 23.84
C TYR A 757 -6.99 13.52 24.72
N LYS A 758 -7.22 13.61 26.02
CA LYS A 758 -6.19 13.97 26.97
C LYS A 758 -5.03 12.98 26.94
N LEU A 759 -5.36 11.71 26.69
CA LEU A 759 -4.36 10.66 26.61
C LEU A 759 -3.54 10.75 25.32
N SER A 760 -4.13 11.36 24.29
CA SER A 760 -3.55 11.33 22.95
C SER A 760 -2.87 12.63 22.54
N LYS A 761 -3.28 13.74 23.13
CA LYS A 761 -2.90 15.08 22.63
C LYS A 761 -1.41 15.38 22.68
N ASP A 762 -0.67 14.73 23.56
CA ASP A 762 0.74 15.05 23.75
C ASP A 762 1.66 14.18 22.89
N ASP A 763 1.08 13.30 22.10
CA ASP A 763 1.84 12.53 21.13
C ASP A 763 1.26 12.75 19.73
N GLU A 764 2.10 13.25 18.83
CA GLU A 764 1.68 13.61 17.48
C GLU A 764 1.02 12.46 16.72
N LEU A 765 1.63 11.29 16.78
CA LEU A 765 1.12 10.13 16.06
C LEU A 765 -0.11 9.54 16.76
N LEU A 766 -0.10 9.53 18.09
CA LEU A 766 -1.21 8.98 18.85
C LEU A 766 -2.47 9.83 18.67
N LEU A 767 -2.29 11.14 18.62
CA LEU A 767 -3.40 12.06 18.39
C LEU A 767 -4.03 11.81 17.04
N GLN A 768 -3.20 11.46 16.05
CA GLN A 768 -3.68 11.17 14.72
C GLN A 768 -4.48 9.88 14.69
N GLU A 769 -4.16 8.97 15.60
CA GLU A 769 -4.95 7.74 15.76
C GLU A 769 -6.26 8.05 16.47
N TRP A 770 -6.22 9.02 17.38
CA TRP A 770 -7.42 9.47 18.07
C TRP A 770 -8.36 10.14 17.07
N LEU A 771 -7.79 10.89 16.13
CA LEU A 771 -8.56 11.54 15.09
C LEU A 771 -9.28 10.51 14.22
N LYS A 772 -8.54 9.46 13.83
CA LYS A 772 -9.11 8.38 13.04
C LYS A 772 -10.28 7.71 13.77
N THR A 773 -10.10 7.47 15.06
CA THR A 773 -11.11 6.82 15.88
C THR A 773 -12.39 7.65 15.94
N VAL A 774 -12.23 8.95 16.16
CA VAL A 774 -13.35 9.88 16.18
C VAL A 774 -14.00 9.96 14.80
N SER A 775 -13.17 10.04 13.77
CA SER A 775 -13.64 10.10 12.39
C SER A 775 -14.45 8.87 12.01
N ARG A 776 -14.08 7.72 12.57
CA ARG A 776 -14.73 6.45 12.23
C ARG A 776 -15.89 6.14 13.17
N SER A 777 -16.09 6.99 14.17
CA SER A 777 -17.13 6.76 15.17
C SER A 777 -18.52 6.70 14.54
N ASP A 778 -19.27 5.66 14.89
CA ASP A 778 -20.62 5.49 14.37
C ASP A 778 -21.58 6.41 15.10
N ARG A 779 -21.51 7.70 14.80
CA ARG A 779 -22.29 8.71 15.49
C ARG A 779 -23.32 9.35 14.56
N LYS A 780 -24.52 9.61 15.10
CA LYS A 780 -25.56 10.29 14.35
C LYS A 780 -25.21 11.75 14.12
N ASP A 781 -24.45 12.32 15.05
CA ASP A 781 -24.02 13.71 14.97
C ASP A 781 -22.59 13.80 14.46
N ILE A 782 -22.22 12.90 13.55
CA ILE A 782 -20.85 12.80 13.06
C ILE A 782 -20.41 14.05 12.29
N TYR A 783 -21.33 14.68 11.57
CA TYR A 783 -21.02 15.87 10.81
C TYR A 783 -20.74 17.06 11.73
N GLU A 784 -21.46 17.13 12.84
CA GLU A 784 -21.23 18.16 13.84
C GLU A 784 -19.90 17.89 14.54
N ILE A 785 -19.59 16.61 14.73
CA ILE A 785 -18.34 16.20 15.36
C ILE A 785 -17.15 16.53 14.47
N LEU A 786 -17.28 16.27 13.17
CA LEU A 786 -16.21 16.58 12.21
C LEU A 786 -15.90 18.07 12.21
N LYS A 787 -16.95 18.88 12.35
CA LYS A 787 -16.78 20.33 12.44
C LYS A 787 -16.00 20.70 13.69
N LYS A 788 -16.23 19.95 14.77
CA LYS A 788 -15.53 20.18 16.03
C LYS A 788 -14.04 19.90 15.90
N LEU A 789 -13.69 18.83 15.18
CA LEU A 789 -12.30 18.47 14.95
C LEU A 789 -11.60 19.53 14.11
N GLU A 790 -12.33 20.09 13.15
CA GLU A 790 -11.78 21.11 12.26
C GLU A 790 -11.41 22.38 13.02
N ASN A 791 -12.32 22.84 13.89
CA ASN A 791 -12.13 24.10 14.60
C ASN A 791 -11.21 23.98 15.81
N GLU A 792 -11.18 22.81 16.44
CA GLU A 792 -10.45 22.66 17.70
C GLU A 792 -9.12 21.93 17.55
N VAL A 793 -9.04 20.98 16.63
CA VAL A 793 -7.84 20.14 16.51
C VAL A 793 -7.10 20.32 15.19
N LEU A 794 -7.79 20.10 14.08
CA LEU A 794 -7.16 20.12 12.76
C LEU A 794 -6.72 21.52 12.34
N LYS A 795 -7.65 22.46 12.37
CA LYS A 795 -7.40 23.85 11.95
C LYS A 795 -6.90 23.91 10.51
N ASP A 796 -5.83 24.68 10.29
CA ASP A 796 -5.30 24.87 8.95
C ASP A 796 -4.01 24.08 8.72
N SER A 797 -3.93 22.91 9.36
CA SER A 797 -2.76 22.05 9.22
C SER A 797 -2.58 21.55 7.79
N LYS A 798 -1.34 21.54 7.33
CA LYS A 798 -1.02 21.02 6.00
C LYS A 798 -0.35 19.66 6.11
N ASN A 799 -0.36 19.09 7.31
CA ASN A 799 0.17 17.76 7.53
C ASN A 799 -0.80 16.71 6.99
N PRO A 800 -0.34 15.93 5.99
CA PRO A 800 -1.17 14.90 5.34
C PRO A 800 -1.72 13.89 6.35
N ASN A 801 -0.91 13.52 7.34
CA ASN A 801 -1.34 12.61 8.39
C ASN A 801 -2.55 13.15 9.15
N ASP A 802 -2.57 14.46 9.37
CA ASP A 802 -3.68 15.10 10.06
C ASP A 802 -4.93 15.12 9.19
N ILE A 803 -4.77 15.54 7.95
CA ILE A 803 -5.90 15.68 7.03
C ILE A 803 -6.54 14.32 6.71
N ARG A 804 -5.70 13.32 6.46
CA ARG A 804 -6.19 11.98 6.14
C ARG A 804 -6.89 11.34 7.34
N ALA A 805 -6.35 11.56 8.54
CA ALA A 805 -6.91 10.97 9.75
C ALA A 805 -8.31 11.49 10.04
N VAL A 806 -8.55 12.76 9.76
CA VAL A 806 -9.82 13.39 10.06
C VAL A 806 -10.92 12.96 9.08
N TYR A 807 -10.58 12.85 7.79
CA TYR A 807 -11.62 12.70 6.77
C TYR A 807 -11.77 11.29 6.19
N LEU A 808 -10.66 10.60 5.94
CA LEU A 808 -10.72 9.30 5.27
C LEU A 808 -11.52 8.21 6.01
N PRO A 809 -11.31 8.04 7.33
CA PRO A 809 -12.11 7.01 8.02
C PRO A 809 -13.61 7.29 7.95
N PHE A 810 -13.97 8.57 7.97
CA PHE A 810 -15.37 8.98 7.88
C PHE A 810 -16.01 8.54 6.56
N THR A 811 -15.21 8.49 5.50
CA THR A 811 -15.71 8.11 4.19
C THR A 811 -16.11 6.64 4.11
N ASN A 812 -15.74 5.88 5.13
CA ASN A 812 -16.14 4.48 5.21
C ASN A 812 -17.42 4.29 6.01
N ASN A 813 -17.99 5.39 6.48
CA ASN A 813 -19.28 5.37 7.15
C ASN A 813 -20.38 5.23 6.09
N LEU A 814 -20.90 4.02 5.97
CA LEU A 814 -21.84 3.68 4.89
C LEU A 814 -23.10 4.54 4.90
N ARG A 815 -23.70 4.72 6.08
CA ARG A 815 -24.94 5.47 6.19
C ARG A 815 -24.75 6.99 6.11
N ARG A 816 -23.68 7.48 6.73
CA ARG A 816 -23.51 8.92 6.92
C ARG A 816 -22.76 9.61 5.79
N PHE A 817 -21.68 9.00 5.31
CA PHE A 817 -20.91 9.60 4.22
C PHE A 817 -21.72 9.60 2.92
N HIS A 818 -22.55 8.58 2.75
CA HIS A 818 -23.38 8.47 1.56
C HIS A 818 -24.78 8.99 1.80
N ASP A 819 -24.88 10.03 2.64
CA ASP A 819 -26.16 10.68 2.92
C ASP A 819 -26.76 11.17 1.61
N ILE A 820 -28.06 10.91 1.43
CA ILE A 820 -28.73 11.14 0.15
C ILE A 820 -28.76 12.62 -0.24
N SER A 821 -28.47 13.51 0.71
CA SER A 821 -28.38 14.94 0.41
C SER A 821 -27.11 15.25 -0.36
N GLY A 822 -26.08 14.44 -0.14
CA GLY A 822 -24.81 14.62 -0.80
C GLY A 822 -23.86 15.48 0.01
N LYS A 823 -24.23 15.75 1.26
CA LYS A 823 -23.43 16.58 2.15
C LYS A 823 -22.05 15.98 2.42
N GLY A 824 -21.96 14.66 2.35
CA GLY A 824 -20.70 13.97 2.55
C GLY A 824 -19.79 14.12 1.35
N TYR A 825 -20.37 14.02 0.16
CA TYR A 825 -19.62 14.18 -1.08
C TYR A 825 -19.13 15.62 -1.21
N LYS A 826 -19.97 16.56 -0.82
CA LYS A 826 -19.63 17.97 -0.87
C LYS A 826 -18.51 18.30 0.12
N LEU A 827 -18.55 17.67 1.29
CA LEU A 827 -17.55 17.89 2.32
C LEU A 827 -16.15 17.49 1.85
N ILE A 828 -16.02 16.27 1.36
CA ILE A 828 -14.74 15.75 0.91
C ILE A 828 -14.22 16.53 -0.30
N ALA A 829 -15.14 16.88 -1.20
CA ALA A 829 -14.79 17.66 -2.40
C ALA A 829 -14.16 19.00 -2.02
N GLU A 830 -14.71 19.63 -0.98
CA GLU A 830 -14.16 20.88 -0.49
C GLU A 830 -12.78 20.68 0.12
N VAL A 831 -12.59 19.56 0.80
CA VAL A 831 -11.30 19.23 1.39
C VAL A 831 -10.26 18.96 0.30
N ILE A 832 -10.69 18.25 -0.74
CA ILE A 832 -9.81 17.95 -1.87
C ILE A 832 -9.34 19.22 -2.58
N THR A 833 -10.27 20.11 -2.87
CA THR A 833 -9.96 21.36 -3.54
C THR A 833 -9.06 22.23 -2.67
N LYS A 834 -9.34 22.25 -1.37
CA LYS A 834 -8.54 23.01 -0.42
C LYS A 834 -7.12 22.47 -0.34
N THR A 835 -7.00 21.15 -0.31
CA THR A 835 -5.71 20.48 -0.21
C THR A 835 -4.90 20.64 -1.49
N ASP A 836 -5.60 20.65 -2.63
CA ASP A 836 -4.96 20.70 -3.94
C ASP A 836 -4.16 21.97 -4.15
N LYS A 837 -4.44 22.99 -3.34
CA LYS A 837 -3.73 24.27 -3.44
C LYS A 837 -2.28 24.16 -2.99
N PHE A 838 -1.99 23.20 -2.11
CA PHE A 838 -0.63 23.06 -1.60
C PHE A 838 -0.07 21.64 -1.76
N ASN A 839 -0.94 20.65 -1.89
CA ASN A 839 -0.49 19.27 -2.03
C ASN A 839 -1.39 18.46 -2.96
N PRO A 840 -1.10 18.51 -4.27
CA PRO A 840 -1.87 17.82 -5.31
C PRO A 840 -1.92 16.30 -5.11
N MET A 841 -0.83 15.70 -4.66
CA MET A 841 -0.78 14.25 -4.46
C MET A 841 -1.75 13.79 -3.38
N VAL A 842 -1.74 14.46 -2.25
CA VAL A 842 -2.62 14.12 -1.13
C VAL A 842 -4.07 14.41 -1.52
N ALA A 843 -4.27 15.48 -2.29
CA ALA A 843 -5.60 15.83 -2.79
C ALA A 843 -6.16 14.69 -3.63
N THR A 844 -5.31 14.07 -4.44
CA THR A 844 -5.69 12.93 -5.25
C THR A 844 -6.01 11.73 -4.37
N GLN A 845 -5.24 11.56 -3.30
CA GLN A 845 -5.47 10.49 -2.34
C GLN A 845 -6.86 10.62 -1.71
N LEU A 846 -7.29 11.86 -1.51
CA LEU A 846 -8.57 12.14 -0.87
C LEU A 846 -9.75 11.92 -1.82
N CYS A 847 -9.45 11.61 -3.07
CA CYS A 847 -10.48 11.33 -4.07
C CYS A 847 -10.93 9.87 -4.04
N GLU A 848 -10.23 9.05 -3.27
CA GLU A 848 -10.51 7.62 -3.19
C GLU A 848 -11.98 7.22 -2.97
N PRO A 849 -12.73 7.98 -2.13
CA PRO A 849 -14.15 7.62 -2.01
C PRO A 849 -14.94 7.69 -3.33
N PHE A 850 -14.49 8.54 -4.25
CA PHE A 850 -15.22 8.73 -5.51
C PHE A 850 -14.90 7.67 -6.56
N LYS A 851 -14.02 6.73 -6.22
CA LYS A 851 -13.57 5.73 -7.18
C LYS A 851 -14.67 4.74 -7.56
N LEU A 852 -15.69 4.62 -6.71
CA LEU A 852 -16.79 3.71 -6.96
C LEU A 852 -18.06 4.44 -7.40
N TRP A 853 -17.90 5.65 -7.89
CA TRP A 853 -19.03 6.54 -8.16
C TRP A 853 -20.06 5.96 -9.12
N ASN A 854 -19.60 5.25 -10.14
CA ASN A 854 -20.50 4.71 -11.16
C ASN A 854 -21.04 3.33 -10.80
N LYS A 855 -20.81 2.92 -9.55
CA LYS A 855 -21.28 1.61 -9.08
C LYS A 855 -22.42 1.75 -8.08
N LEU A 856 -22.73 2.99 -7.72
CA LEU A 856 -23.80 3.26 -6.76
C LEU A 856 -25.14 3.42 -7.47
N ASP A 857 -26.19 3.66 -6.69
CA ASP A 857 -27.50 3.93 -7.26
C ASP A 857 -27.48 5.24 -8.05
N THR A 858 -28.42 5.38 -8.98
CA THR A 858 -28.40 6.49 -9.94
C THR A 858 -28.37 7.87 -9.30
N LYS A 859 -29.05 8.03 -8.17
CA LYS A 859 -29.09 9.31 -7.49
C LYS A 859 -27.72 9.67 -6.91
N ARG A 860 -27.09 8.69 -6.25
CA ARG A 860 -25.78 8.92 -5.64
C ARG A 860 -24.69 9.02 -6.70
N GLN A 861 -24.91 8.37 -7.84
CA GLN A 861 -24.01 8.53 -8.98
C GLN A 861 -24.00 9.98 -9.42
N GLU A 862 -25.21 10.54 -9.54
CA GLU A 862 -25.39 11.94 -9.93
C GLU A 862 -24.73 12.89 -8.95
N LEU A 863 -24.91 12.63 -7.66
CA LEU A 863 -24.38 13.49 -6.61
C LEU A 863 -22.85 13.52 -6.62
N MET A 864 -22.24 12.34 -6.70
CA MET A 864 -20.78 12.25 -6.75
C MET A 864 -20.22 12.88 -8.03
N LEU A 865 -20.89 12.65 -9.14
CA LEU A 865 -20.46 13.18 -10.43
C LEU A 865 -20.48 14.70 -10.44
N ASN A 866 -21.50 15.28 -9.82
CA ASN A 866 -21.62 16.73 -9.71
CA ASN A 866 -21.61 16.73 -9.72
C ASN A 866 -20.44 17.35 -8.97
N GLU A 867 -20.10 16.75 -7.83
CA GLU A 867 -19.00 17.25 -7.01
C GLU A 867 -17.67 17.12 -7.74
N MET A 868 -17.51 16.03 -8.49
CA MET A 868 -16.29 15.81 -9.25
C MET A 868 -16.19 16.80 -10.40
N ASN A 869 -17.31 17.05 -11.07
CA ASN A 869 -17.36 18.05 -12.13
C ASN A 869 -17.11 19.44 -11.58
N THR A 870 -17.60 19.70 -10.36
CA THR A 870 -17.35 20.96 -9.67
C THR A 870 -15.86 21.13 -9.42
N MET A 871 -15.22 20.08 -8.92
CA MET A 871 -13.78 20.11 -8.65
C MET A 871 -12.98 20.32 -9.93
N LEU A 872 -13.46 19.72 -11.03
CA LEU A 872 -12.80 19.86 -12.32
C LEU A 872 -12.91 21.29 -12.86
N GLN A 873 -13.95 22.00 -12.46
CA GLN A 873 -14.20 23.35 -12.93
C GLN A 873 -13.41 24.40 -12.16
N GLU A 874 -12.71 23.97 -11.11
CA GLU A 874 -11.86 24.87 -10.34
C GLU A 874 -10.72 25.40 -11.20
N PRO A 875 -10.64 26.73 -11.35
CA PRO A 875 -9.65 27.40 -12.20
C PRO A 875 -8.21 27.06 -11.84
N GLN A 876 -7.93 26.81 -10.56
CA GLN A 876 -6.57 26.58 -10.11
C GLN A 876 -6.26 25.12 -9.85
N ILE A 877 -7.02 24.23 -10.48
CA ILE A 877 -6.83 22.80 -10.30
C ILE A 877 -5.46 22.35 -10.83
N SER A 878 -4.79 21.47 -10.09
CA SER A 878 -3.50 20.97 -10.50
C SER A 878 -3.65 19.95 -11.62
N ASN A 879 -2.58 19.75 -12.37
CA ASN A 879 -2.60 18.78 -13.41
C ASN A 879 -2.83 17.39 -12.81
N ASN A 880 -2.23 17.14 -11.69
CA ASN A 880 -2.33 15.91 -10.97
C ASN A 880 -3.78 15.55 -10.73
N LEU A 881 -4.48 16.44 -10.08
CA LEU A 881 -5.86 16.26 -9.76
C LEU A 881 -6.74 16.23 -11.01
N LYS A 882 -6.44 17.09 -11.96
CA LYS A 882 -7.22 17.19 -13.19
C LYS A 882 -7.19 15.89 -13.98
N GLU A 883 -5.99 15.33 -14.17
CA GLU A 883 -5.83 14.09 -14.91
C GLU A 883 -6.57 12.94 -14.24
N TYR A 884 -6.50 12.89 -12.91
CA TYR A 884 -7.12 11.83 -12.13
C TYR A 884 -8.64 11.85 -12.27
N LEU A 885 -9.23 13.03 -12.10
CA LEU A 885 -10.68 13.19 -12.18
C LEU A 885 -11.20 13.00 -13.59
N LEU A 886 -10.40 13.41 -14.58
CA LEU A 886 -10.77 13.23 -15.99
C LEU A 886 -10.86 11.75 -16.35
N ARG A 887 -9.93 10.96 -15.82
CA ARG A 887 -9.92 9.52 -16.09
C ARG A 887 -11.01 8.81 -15.30
N LEU A 888 -11.30 9.31 -14.11
CA LEU A 888 -12.30 8.69 -13.24
C LEU A 888 -13.72 8.95 -13.74
N THR A 889 -13.92 10.10 -14.38
CA THR A 889 -15.23 10.47 -14.89
C THR A 889 -15.38 10.13 -16.37
N ASN A 890 -14.42 9.39 -16.91
CA ASN A 890 -14.43 8.97 -18.31
C ASN A 890 -14.61 10.13 -19.29
N LYS A 891 -13.91 11.23 -19.05
CA LYS A 891 -14.01 12.41 -19.90
C LYS A 891 -12.81 12.51 -20.83
ZN ZN B . 8.83 0.52 -3.02
C1 GOL C . 3.48 -7.21 24.17
O1 GOL C . 3.93 -6.33 25.19
C2 GOL C . 2.41 -6.52 23.33
O2 GOL C . 1.20 -6.48 24.06
C3 GOL C . 2.19 -7.28 22.03
O3 GOL C . 3.33 -7.17 21.21
C1 GOL D . 1.54 6.47 5.29
O1 GOL D . 1.51 5.46 6.28
C2 GOL D . 0.17 7.11 5.15
O2 GOL D . -0.42 7.27 6.42
C3 GOL D . -0.72 6.26 4.26
O3 GOL D . -0.75 6.81 2.95
C1 GOL E . -17.53 -9.81 -10.09
O1 GOL E . -18.68 -10.59 -9.97
C2 GOL E . -17.81 -8.62 -11.03
O2 GOL E . -17.71 -9.05 -12.36
C3 GOL E . -16.80 -7.51 -10.76
O3 GOL E . -17.08 -6.42 -11.60
C1 GOL F . -0.01 0.62 -1.62
O1 GOL F . -1.26 -0.01 -1.42
C2 GOL F . -0.01 1.39 -2.93
O2 GOL F . -1.28 1.97 -3.14
C3 GOL F . 1.05 2.49 -2.90
O3 GOL F . 0.90 3.26 -1.73
C1 GOL G . 1.94 19.12 14.71
O1 GOL G . 2.29 17.94 15.40
C2 GOL G . 2.42 19.03 13.27
O2 GOL G . 2.80 17.70 12.99
C3 GOL G . 1.30 19.45 12.33
O3 GOL G . 0.95 20.79 12.59
MG MG H . 10.59 27.60 -6.70
MG MG I . 8.33 3.82 -2.51
#